data_7F2R
#
_entry.id   7F2R
#
_cell.length_a   44.282
_cell.length_b   148.224
_cell.length_c   68.791
_cell.angle_alpha   90.000
_cell.angle_beta   91.080
_cell.angle_gamma   90.000
#
_symmetry.space_group_name_H-M   'P 1 21 1'
#
loop_
_entity.id
_entity.type
_entity.pdbx_description
1 polymer 'Malonyl-CoA-[acyl-carrier-protein] transacylase'
2 polymer Acyl-carrier-protein
3 non-polymer N-[2-(acetylamino)ethyl]-N~3~-[(2R)-2-hydroxy-3,3-dimethyl-4-(phosphonooxy)butanoyl]-beta-alaninamide
4 water water
#
loop_
_entity_poly.entity_id
_entity_poly.type
_entity_poly.pdbx_seq_one_letter_code
_entity_poly.pdbx_strand_id
1 'polypeptide(L)'
;HMNATVETTQHDVEGTGAAGATAMLFPGMGPAAFSDVGRFMVTNRYTRELLAEADDTLGYSLVDRFRQAEGDYSEYAQIA
FLVNCVALARWAEQTMDLTPRICAGACFGEKSVAAYSGALTFADAVRMTAGLARCMDEYFRTEHLGVVTHSFVRAPRERL
DEILAELDERGEWHEISCHIDHDFFMLTLHERNSVWLEGRLRSVGAMPLYAMRPPMHAAAFGGLRDKAEEEVIAPLTFHD
PTLPVVADQDGKVLTTGDEVRTMLLESFVRPLRWPDVISSLQDQGVTRVCVAGPDSLFGRVGTTTRAFEVIAATPRLALQ
PRARTTSR
;
A,C
2 'polypeptide(L)'
;GSHMWDAQFENLLRRYLPFLSADQPLEQDINLRDIGLDSLGTVELLSELENTYDVHFQDEALTKETFETPGVLWKTLSQM
VEPRH
;
B,D
#
# COMPACT_ATOMS: atom_id res chain seq x y z
N ALA A 19 25.47 -9.34 0.14
CA ALA A 19 26.05 -10.24 -0.88
C ALA A 19 24.94 -10.90 -1.74
N GLY A 20 23.70 -11.05 -1.27
CA GLY A 20 22.71 -11.81 -2.05
C GLY A 20 22.13 -10.98 -3.18
N ALA A 21 21.13 -11.53 -3.90
CA ALA A 21 20.17 -10.73 -4.70
C ALA A 21 18.83 -11.43 -4.68
N THR A 22 17.76 -10.70 -4.93
CA THR A 22 16.36 -11.18 -4.79
C THR A 22 15.70 -11.13 -6.18
N ALA A 23 14.93 -12.18 -6.47
CA ALA A 23 14.03 -12.25 -7.64
C ALA A 23 12.61 -12.24 -7.09
N MET A 24 11.67 -11.65 -7.80
CA MET A 24 10.21 -11.76 -7.51
C MET A 24 9.68 -12.81 -8.50
N LEU A 25 9.13 -13.89 -7.99
CA LEU A 25 8.55 -15.00 -8.82
C LEU A 25 7.02 -14.95 -8.66
N PHE A 26 6.30 -15.21 -9.75
CA PHE A 26 4.84 -15.32 -9.83
C PHE A 26 4.46 -16.77 -10.18
N PRO A 27 3.62 -17.38 -9.34
CA PRO A 27 3.33 -18.80 -9.49
C PRO A 27 2.25 -19.09 -10.53
N GLY A 28 2.14 -20.38 -10.88
CA GLY A 28 1.02 -20.92 -11.65
C GLY A 28 -0.26 -20.83 -10.81
N MET A 29 -1.42 -20.91 -11.43
CA MET A 29 -2.71 -20.82 -10.66
C MET A 29 -3.14 -22.24 -10.22
N GLY A 30 -3.21 -22.45 -8.90
CA GLY A 30 -3.84 -23.67 -8.36
C GLY A 30 -5.33 -23.46 -8.16
N PRO A 31 -6.05 -24.51 -7.78
CA PRO A 31 -7.50 -24.42 -7.62
C PRO A 31 -8.00 -23.28 -6.72
N ALA A 32 -8.68 -22.26 -7.30
CA ALA A 32 -9.25 -21.16 -6.50
C ALA A 32 -10.13 -21.71 -5.36
N ALA A 33 -10.27 -20.96 -4.32
CA ALA A 33 -11.04 -21.34 -3.13
C ALA A 33 -11.44 -20.01 -2.52
N PHE A 34 -12.62 -19.52 -2.87
CA PHE A 34 -12.94 -18.13 -2.60
C PHE A 34 -12.78 -17.89 -1.10
N SER A 35 -13.16 -18.86 -0.26
CA SER A 35 -13.11 -18.76 1.23
C SER A 35 -11.65 -18.60 1.68
N ASP A 36 -10.69 -19.04 0.87
CA ASP A 36 -9.25 -18.81 1.13
C ASP A 36 -8.92 -17.31 1.07
N VAL A 37 -9.54 -16.55 0.18
CA VAL A 37 -9.05 -15.17 -0.12
C VAL A 37 -10.14 -14.11 -0.10
N GLY A 38 -11.43 -14.40 0.06
CA GLY A 38 -12.41 -13.33 -0.11
C GLY A 38 -12.24 -12.25 0.96
N ARG A 39 -12.05 -12.65 2.23
CA ARG A 39 -11.86 -11.75 3.41
C ARG A 39 -10.54 -10.97 3.26
N PHE A 40 -9.48 -11.66 2.86
CA PHE A 40 -8.16 -11.05 2.58
C PHE A 40 -8.40 -9.89 1.59
N MET A 41 -9.02 -10.18 0.47
CA MET A 41 -9.06 -9.25 -0.72
C MET A 41 -9.70 -7.94 -0.32
N VAL A 42 -10.76 -7.97 0.50
CA VAL A 42 -11.52 -6.73 0.82
C VAL A 42 -10.89 -5.96 2.00
N THR A 43 -9.96 -6.55 2.76
CA THR A 43 -9.34 -5.91 3.96
C THR A 43 -7.89 -5.47 3.67
N ASN A 44 -7.11 -6.22 2.93
CA ASN A 44 -5.70 -5.85 2.67
C ASN A 44 -5.68 -4.61 1.78
N ARG A 45 -4.85 -3.59 2.09
CA ARG A 45 -4.84 -2.32 1.32
C ARG A 45 -4.24 -2.51 -0.08
N TYR A 46 -3.32 -3.49 -0.24
CA TYR A 46 -2.63 -3.79 -1.51
C TYR A 46 -3.65 -4.38 -2.48
N THR A 47 -4.49 -5.34 -2.02
CA THR A 47 -5.57 -5.93 -2.86
C THR A 47 -6.66 -4.88 -3.11
N ARG A 48 -7.13 -4.17 -2.08
CA ARG A 48 -8.22 -3.18 -2.24
C ARG A 48 -7.85 -2.17 -3.33
N GLU A 49 -6.60 -1.76 -3.39
CA GLU A 49 -6.13 -0.69 -4.32
C GLU A 49 -6.25 -1.25 -5.74
N LEU A 50 -5.69 -2.45 -6.00
CA LEU A 50 -5.84 -3.10 -7.34
C LEU A 50 -7.29 -3.44 -7.66
N LEU A 51 -8.08 -3.90 -6.68
CA LEU A 51 -9.51 -4.22 -6.97
C LEU A 51 -10.22 -2.98 -7.51
N ALA A 52 -10.01 -1.83 -6.89
CA ALA A 52 -10.63 -0.57 -7.38
C ALA A 52 -10.34 -0.40 -8.87
N GLU A 53 -9.07 -0.63 -9.28
CA GLU A 53 -8.67 -0.54 -10.69
C GLU A 53 -9.30 -1.66 -11.53
N ALA A 54 -9.25 -2.93 -11.07
CA ALA A 54 -9.82 -4.08 -11.80
C ALA A 54 -11.34 -3.84 -11.95
N ASP A 55 -12.03 -3.42 -10.90
CA ASP A 55 -13.51 -3.22 -10.99
C ASP A 55 -13.84 -2.11 -11.99
N ASP A 56 -13.07 -1.01 -12.00
CA ASP A 56 -13.26 0.08 -13.00
C ASP A 56 -12.98 -0.46 -14.40
N THR A 57 -11.90 -1.21 -14.63
CA THR A 57 -11.62 -1.73 -15.98
C THR A 57 -12.75 -2.67 -16.43
N LEU A 58 -13.24 -3.54 -15.57
CA LEU A 58 -14.20 -4.60 -15.96
C LEU A 58 -15.65 -4.07 -15.97
N GLY A 59 -15.97 -3.04 -15.19
CA GLY A 59 -17.33 -2.48 -15.14
C GLY A 59 -18.26 -3.30 -14.27
N TYR A 60 -17.74 -4.12 -13.36
CA TYR A 60 -18.50 -4.90 -12.34
C TYR A 60 -17.64 -5.01 -11.07
N SER A 61 -18.22 -5.58 -10.05
CA SER A 61 -17.57 -6.00 -8.78
C SER A 61 -16.91 -7.36 -8.97
N LEU A 62 -15.60 -7.41 -9.06
CA LEU A 62 -14.92 -8.71 -9.30
C LEU A 62 -15.16 -9.59 -8.08
N VAL A 63 -15.04 -9.04 -6.88
CA VAL A 63 -15.18 -9.90 -5.67
C VAL A 63 -16.59 -10.53 -5.67
N ASP A 64 -17.65 -9.80 -6.07
CA ASP A 64 -19.02 -10.38 -6.09
C ASP A 64 -19.11 -11.49 -7.16
N ARG A 65 -18.57 -11.24 -8.35
CA ARG A 65 -18.64 -12.26 -9.44
C ARG A 65 -17.86 -13.49 -9.01
N PHE A 66 -16.75 -13.31 -8.34
CA PHE A 66 -15.84 -14.42 -7.93
C PHE A 66 -16.52 -15.24 -6.82
N ARG A 67 -17.25 -14.59 -5.93
CA ARG A 67 -18.04 -15.28 -4.86
C ARG A 67 -19.00 -16.28 -5.48
N GLN A 68 -19.73 -15.90 -6.53
CA GLN A 68 -20.77 -16.74 -7.17
C GLN A 68 -20.17 -17.70 -8.21
N ALA A 69 -18.88 -17.62 -8.56
CA ALA A 69 -18.32 -18.45 -9.64
C ALA A 69 -18.32 -19.93 -9.21
N GLU A 70 -18.64 -20.81 -10.12
CA GLU A 70 -18.48 -22.27 -9.91
C GLU A 70 -17.12 -22.64 -10.48
N GLY A 71 -16.64 -23.81 -10.11
CA GLY A 71 -15.36 -24.33 -10.61
C GLY A 71 -14.23 -23.70 -9.85
N ASP A 72 -13.02 -24.05 -10.23
CA ASP A 72 -11.75 -23.63 -9.59
C ASP A 72 -10.98 -22.69 -10.52
N TYR A 73 -11.41 -22.59 -11.78
CA TYR A 73 -10.63 -21.85 -12.79
C TYR A 73 -11.55 -20.97 -13.60
N SER A 74 -12.59 -20.43 -12.95
CA SER A 74 -13.52 -19.51 -13.66
C SER A 74 -12.72 -18.29 -14.11
N GLU A 75 -13.29 -17.56 -15.05
CA GLU A 75 -12.73 -16.30 -15.51
C GLU A 75 -12.48 -15.39 -14.28
N TYR A 76 -13.47 -15.30 -13.41
CA TYR A 76 -13.41 -14.40 -12.22
C TYR A 76 -12.29 -14.85 -11.27
N ALA A 77 -12.10 -16.15 -11.08
CA ALA A 77 -11.06 -16.63 -10.17
C ALA A 77 -9.69 -16.37 -10.82
N GLN A 78 -9.63 -16.32 -12.13
CA GLN A 78 -8.34 -16.06 -12.83
C GLN A 78 -8.00 -14.59 -12.66
N ILE A 79 -9.00 -13.71 -12.76
CA ILE A 79 -8.73 -12.24 -12.58
C ILE A 79 -8.35 -12.00 -11.12
N ALA A 80 -9.08 -12.60 -10.19
CA ALA A 80 -8.84 -12.41 -8.72
C ALA A 80 -7.40 -12.92 -8.44
N PHE A 81 -7.04 -14.06 -8.99
CA PHE A 81 -5.66 -14.63 -8.86
C PHE A 81 -4.58 -13.64 -9.35
N LEU A 82 -4.79 -12.97 -10.45
CA LEU A 82 -3.94 -11.84 -10.93
C LEU A 82 -3.82 -10.74 -9.87
N VAL A 83 -4.95 -10.30 -9.31
CA VAL A 83 -4.97 -9.20 -8.32
C VAL A 83 -4.12 -9.66 -7.11
N ASN A 84 -4.39 -10.85 -6.58
CA ASN A 84 -3.79 -11.41 -5.34
C ASN A 84 -2.27 -11.52 -5.55
N CYS A 85 -1.82 -12.02 -6.66
CA CYS A 85 -0.33 -12.17 -6.89
C CYS A 85 0.33 -10.80 -7.03
N VAL A 86 -0.24 -9.91 -7.84
CA VAL A 86 0.40 -8.60 -8.12
C VAL A 86 0.37 -7.80 -6.80
N ALA A 87 -0.72 -7.79 -6.06
CA ALA A 87 -0.79 -7.07 -4.77
C ALA A 87 0.25 -7.65 -3.79
N LEU A 88 0.37 -8.97 -3.66
CA LEU A 88 1.26 -9.57 -2.65
C LEU A 88 2.72 -9.32 -3.04
N ALA A 89 3.01 -9.13 -4.30
CA ALA A 89 4.41 -8.72 -4.69
C ALA A 89 4.71 -7.32 -4.08
N ARG A 90 3.77 -6.40 -4.16
CA ARG A 90 3.96 -5.01 -3.67
C ARG A 90 3.95 -5.04 -2.14
N TRP A 91 3.06 -5.84 -1.55
CA TRP A 91 3.00 -6.00 -0.07
C TRP A 91 4.38 -6.47 0.44
N ALA A 92 4.91 -7.52 -0.15
CA ALA A 92 6.27 -8.03 0.18
C ALA A 92 7.32 -6.93 -0.02
N GLU A 93 7.32 -6.18 -1.12
CA GLU A 93 8.36 -5.11 -1.34
C GLU A 93 8.30 -4.08 -0.20
N GLN A 94 7.09 -3.64 0.17
CA GLN A 94 6.91 -2.52 1.11
C GLN A 94 7.10 -2.98 2.55
N THR A 95 6.82 -4.26 2.88
CA THR A 95 6.83 -4.74 4.31
C THR A 95 8.10 -5.50 4.58
N MET A 96 8.87 -5.86 3.56
CA MET A 96 10.10 -6.68 3.73
C MET A 96 11.28 -6.00 3.08
N ASP A 97 11.16 -4.74 2.67
CA ASP A 97 12.29 -3.95 2.11
C ASP A 97 13.00 -4.75 0.99
N LEU A 98 12.23 -5.40 0.13
CA LEU A 98 12.77 -6.18 -1.02
C LEU A 98 13.10 -5.22 -2.16
N THR A 99 14.27 -5.34 -2.74
CA THR A 99 14.57 -4.76 -4.07
C THR A 99 15.00 -5.87 -5.01
N PRO A 100 14.08 -6.48 -5.78
CA PRO A 100 14.41 -7.53 -6.74
C PRO A 100 15.23 -6.96 -7.88
N ARG A 101 16.24 -7.69 -8.36
CA ARG A 101 16.97 -7.27 -9.59
C ARG A 101 16.28 -7.86 -10.83
N ILE A 102 15.50 -8.93 -10.66
CA ILE A 102 14.94 -9.77 -11.74
C ILE A 102 13.63 -10.41 -11.31
N CYS A 103 12.83 -10.82 -12.27
CA CYS A 103 11.52 -11.44 -11.99
C CYS A 103 11.25 -12.54 -13.02
N ALA A 104 10.31 -13.43 -12.69
CA ALA A 104 9.88 -14.59 -13.50
C ALA A 104 8.47 -14.99 -13.11
N GLY A 105 7.74 -15.48 -14.11
CA GLY A 105 6.38 -15.98 -13.97
C GLY A 105 6.26 -17.35 -14.61
N ALA A 106 5.71 -18.30 -13.86
CA ALA A 106 5.39 -19.67 -14.34
C ALA A 106 3.90 -19.77 -14.70
N CYS A 107 3.63 -20.15 -15.97
CA CYS A 107 2.29 -20.40 -16.57
C CYS A 107 1.44 -19.13 -16.36
N PHE A 108 0.36 -19.19 -15.59
CA PHE A 108 -0.45 -17.99 -15.29
C PHE A 108 0.46 -16.82 -14.87
N GLY A 109 1.49 -17.11 -14.09
CA GLY A 109 2.37 -16.06 -13.55
C GLY A 109 3.04 -15.25 -14.65
N GLU A 110 3.03 -15.73 -15.91
CA GLU A 110 3.53 -14.87 -17.02
C GLU A 110 2.66 -13.59 -17.04
N LYS A 111 1.37 -13.73 -16.78
CA LYS A 111 0.37 -12.63 -16.81
C LYS A 111 0.69 -11.63 -15.67
N SER A 112 0.92 -12.18 -14.49
CA SER A 112 1.19 -11.41 -13.26
C SER A 112 2.53 -10.71 -13.44
N VAL A 113 3.55 -11.42 -13.99
CA VAL A 113 4.89 -10.80 -14.18
C VAL A 113 4.86 -9.71 -15.28
N ALA A 114 4.13 -9.86 -16.37
CA ALA A 114 3.86 -8.77 -17.32
C ALA A 114 3.36 -7.50 -16.60
N ALA A 115 2.43 -7.58 -15.63
CA ALA A 115 1.96 -6.40 -14.91
C ALA A 115 3.05 -5.87 -13.97
N TYR A 116 3.66 -6.75 -13.16
CA TYR A 116 4.64 -6.35 -12.15
C TYR A 116 5.84 -5.64 -12.84
N SER A 117 6.21 -6.14 -14.00
CA SER A 117 7.48 -5.69 -14.70
C SER A 117 7.19 -4.40 -15.46
N GLY A 118 5.94 -4.01 -15.60
CA GLY A 118 5.63 -2.81 -16.39
C GLY A 118 5.44 -3.11 -17.87
N ALA A 119 5.40 -4.38 -18.29
CA ALA A 119 5.30 -4.74 -19.72
C ALA A 119 3.88 -4.47 -20.19
N LEU A 120 2.95 -4.56 -19.25
CA LEU A 120 1.53 -4.17 -19.49
C LEU A 120 1.10 -3.30 -18.33
N THR A 121 0.29 -2.29 -18.59
CA THR A 121 -0.42 -1.58 -17.51
C THR A 121 -1.28 -2.62 -16.77
N PHE A 122 -1.57 -2.38 -15.51
CA PHE A 122 -2.41 -3.33 -14.72
C PHE A 122 -3.77 -3.47 -15.40
N ALA A 123 -4.32 -2.36 -15.89
CA ALA A 123 -5.59 -2.35 -16.66
C ALA A 123 -5.51 -3.29 -17.88
N ASP A 124 -4.44 -3.26 -18.68
CA ASP A 124 -4.28 -4.18 -19.86
C ASP A 124 -4.04 -5.62 -19.40
N ALA A 125 -3.38 -5.84 -18.28
CA ALA A 125 -3.21 -7.20 -17.71
C ALA A 125 -4.57 -7.74 -17.28
N VAL A 126 -5.41 -6.92 -16.67
CA VAL A 126 -6.77 -7.36 -16.26
C VAL A 126 -7.49 -7.68 -17.57
N ARG A 127 -7.42 -6.81 -18.56
CA ARG A 127 -8.18 -7.04 -19.81
C ARG A 127 -7.68 -8.32 -20.44
N MET A 128 -6.34 -8.47 -20.50
CA MET A 128 -5.74 -9.66 -21.11
C MET A 128 -6.17 -10.93 -20.36
N THR A 129 -6.07 -10.93 -19.04
CA THR A 129 -6.43 -12.11 -18.20
C THR A 129 -7.89 -12.51 -18.50
N ALA A 130 -8.81 -11.53 -18.56
CA ALA A 130 -10.24 -11.83 -18.79
C ALA A 130 -10.38 -12.37 -20.22
N GLY A 131 -9.76 -11.69 -21.21
CA GLY A 131 -9.89 -12.11 -22.63
C GLY A 131 -9.36 -13.52 -22.85
N LEU A 132 -8.24 -13.88 -22.25
CA LEU A 132 -7.63 -15.22 -22.47
C LEU A 132 -8.52 -16.28 -21.81
N ALA A 133 -9.11 -15.94 -20.66
CA ALA A 133 -10.07 -16.83 -19.96
C ALA A 133 -11.18 -17.22 -20.92
N ARG A 134 -11.77 -16.23 -21.57
CA ARG A 134 -12.93 -16.43 -22.49
C ARG A 134 -12.46 -17.17 -23.74
N CYS A 135 -11.30 -16.80 -24.27
CA CYS A 135 -10.69 -17.42 -25.45
C CYS A 135 -10.52 -18.92 -25.21
N MET A 136 -9.86 -19.33 -24.11
CA MET A 136 -9.58 -20.76 -23.85
C MET A 136 -10.88 -21.54 -23.65
N ASP A 137 -11.87 -20.91 -23.01
CA ASP A 137 -13.17 -21.55 -22.71
C ASP A 137 -13.83 -21.97 -24.00
N GLU A 138 -13.88 -21.03 -24.95
CA GLU A 138 -14.46 -21.19 -26.30
C GLU A 138 -13.70 -22.26 -27.07
N TYR A 139 -12.37 -22.16 -27.10
CA TYR A 139 -11.54 -23.10 -27.87
C TYR A 139 -11.81 -24.52 -27.33
N PHE A 140 -11.69 -24.70 -26.01
CA PHE A 140 -11.77 -26.07 -25.44
C PHE A 140 -13.23 -26.54 -25.36
N ARG A 141 -14.19 -25.68 -25.72
CA ARG A 141 -15.62 -26.12 -25.79
C ARG A 141 -15.76 -27.11 -26.95
N THR A 142 -14.90 -27.00 -27.96
CA THR A 142 -15.00 -27.79 -29.22
C THR A 142 -13.68 -28.47 -29.59
N GLU A 143 -12.53 -27.95 -29.20
CA GLU A 143 -11.22 -28.51 -29.70
C GLU A 143 -10.60 -29.43 -28.65
N HIS A 144 -9.85 -30.44 -29.12
CA HIS A 144 -9.06 -31.40 -28.33
C HIS A 144 -9.91 -32.02 -27.23
N LEU A 145 -11.12 -32.49 -27.58
CA LEU A 145 -12.10 -32.98 -26.61
C LEU A 145 -11.51 -34.19 -25.86
N GLY A 146 -11.68 -34.18 -24.53
CA GLY A 146 -11.14 -35.21 -23.59
C GLY A 146 -9.63 -35.11 -23.33
N VAL A 147 -8.92 -34.12 -23.86
CA VAL A 147 -7.46 -34.01 -23.59
C VAL A 147 -7.28 -33.33 -22.23
N VAL A 148 -6.37 -33.85 -21.43
CA VAL A 148 -6.11 -33.48 -20.01
C VAL A 148 -4.61 -33.41 -19.75
N THR A 149 -4.23 -32.62 -18.75
CA THR A 149 -2.82 -32.45 -18.34
C THR A 149 -2.66 -33.09 -16.96
N HIS A 150 -1.92 -34.20 -16.90
CA HIS A 150 -1.65 -34.94 -15.63
C HIS A 150 -0.39 -34.44 -14.97
N SER A 151 -0.45 -34.09 -13.68
CA SER A 151 0.77 -33.84 -12.87
C SER A 151 1.06 -35.12 -12.05
N PHE A 152 2.33 -35.43 -11.84
CA PHE A 152 2.80 -36.56 -11.00
C PHE A 152 4.20 -36.29 -10.50
N VAL A 153 4.50 -36.94 -9.38
CA VAL A 153 5.79 -36.79 -8.64
C VAL A 153 6.41 -38.15 -8.39
N ARG A 154 7.56 -38.17 -7.79
CA ARG A 154 8.35 -39.41 -7.56
C ARG A 154 8.46 -40.17 -8.88
N ALA A 155 8.59 -39.44 -10.00
CA ALA A 155 8.68 -40.10 -11.32
C ALA A 155 10.01 -39.72 -11.98
N PRO A 156 11.11 -40.42 -11.71
CA PRO A 156 12.37 -40.10 -12.39
C PRO A 156 12.14 -40.16 -13.89
N ARG A 157 12.82 -39.32 -14.67
CA ARG A 157 12.70 -39.27 -16.15
C ARG A 157 12.80 -40.66 -16.77
N GLU A 158 13.66 -41.52 -16.27
CA GLU A 158 13.81 -42.90 -16.82
C GLU A 158 12.51 -43.71 -16.66
N ARG A 159 11.82 -43.55 -15.55
CA ARG A 159 10.50 -44.20 -15.34
C ARG A 159 9.48 -43.54 -16.29
N LEU A 160 9.48 -42.21 -16.43
CA LEU A 160 8.54 -41.53 -17.35
C LEU A 160 8.79 -42.05 -18.78
N ASP A 161 10.04 -42.14 -19.20
CA ASP A 161 10.38 -42.48 -20.61
C ASP A 161 9.84 -43.86 -20.95
N GLU A 162 9.90 -44.81 -20.02
CA GLU A 162 9.34 -46.19 -20.22
C GLU A 162 7.82 -46.10 -20.44
N ILE A 163 7.11 -45.30 -19.67
CA ILE A 163 5.64 -45.10 -19.81
C ILE A 163 5.34 -44.46 -21.19
N LEU A 164 6.11 -43.45 -21.61
CA LEU A 164 5.91 -42.79 -22.93
C LEU A 164 6.14 -43.79 -24.06
N ALA A 165 7.12 -44.68 -23.93
CA ALA A 165 7.37 -45.73 -24.96
C ALA A 165 6.18 -46.68 -25.00
N GLU A 166 5.60 -47.01 -23.84
CA GLU A 166 4.39 -47.88 -23.85
C GLU A 166 3.27 -47.14 -24.57
N LEU A 167 3.07 -45.84 -24.32
CA LEU A 167 2.03 -45.06 -25.04
C LEU A 167 2.32 -45.09 -26.54
N ASP A 168 3.59 -44.94 -26.93
CA ASP A 168 4.00 -44.85 -28.37
C ASP A 168 3.63 -46.17 -29.06
N GLU A 169 4.05 -47.28 -28.46
CA GLU A 169 3.75 -48.67 -28.90
C GLU A 169 2.26 -48.81 -29.22
N ARG A 170 1.34 -48.17 -28.46
CA ARG A 170 -0.13 -48.29 -28.63
C ARG A 170 -0.67 -47.16 -29.53
N GLY A 171 0.19 -46.29 -30.03
CA GLY A 171 -0.20 -45.18 -30.93
C GLY A 171 -0.96 -44.08 -30.23
N GLU A 172 -0.76 -43.92 -28.92
CA GLU A 172 -1.46 -42.90 -28.10
C GLU A 172 -0.64 -41.62 -28.05
N TRP A 173 -1.23 -40.54 -28.56
CA TRP A 173 -0.64 -39.18 -28.60
C TRP A 173 -0.46 -38.68 -27.17
N HIS A 174 0.68 -38.06 -26.91
CA HIS A 174 0.97 -37.34 -25.65
C HIS A 174 1.96 -36.22 -25.94
N GLU A 175 1.99 -35.25 -25.02
CA GLU A 175 3.16 -34.34 -24.95
C GLU A 175 3.50 -34.06 -23.49
N ILE A 176 4.79 -34.00 -23.18
CA ILE A 176 5.28 -33.41 -21.90
C ILE A 176 4.96 -31.90 -21.93
N SER A 177 4.22 -31.41 -20.93
CA SER A 177 3.74 -30.02 -20.86
C SER A 177 4.55 -29.20 -19.84
N CYS A 178 5.05 -29.80 -18.77
CA CYS A 178 5.90 -29.12 -17.77
C CYS A 178 7.03 -30.04 -17.31
N HIS A 179 8.20 -29.46 -17.16
CA HIS A 179 9.31 -30.05 -16.41
C HIS A 179 9.36 -29.30 -15.10
N ILE A 180 9.05 -29.93 -13.98
CA ILE A 180 8.96 -29.19 -12.69
C ILE A 180 10.26 -29.41 -11.93
N ASP A 181 10.64 -30.67 -11.76
CA ASP A 181 11.87 -31.10 -11.08
C ASP A 181 12.32 -32.37 -11.81
N HIS A 182 13.41 -32.97 -11.36
CA HIS A 182 14.04 -34.17 -11.98
C HIS A 182 13.06 -35.34 -12.01
N ASP A 183 12.08 -35.36 -11.10
CA ASP A 183 11.10 -36.46 -10.95
C ASP A 183 9.67 -35.92 -10.86
N PHE A 184 9.39 -34.71 -11.38
CA PHE A 184 8.04 -34.06 -11.31
C PHE A 184 7.70 -33.45 -12.69
N PHE A 185 6.77 -34.08 -13.40
CA PHE A 185 6.36 -33.71 -14.77
C PHE A 185 4.84 -33.57 -14.86
N MET A 186 4.39 -32.81 -15.87
CA MET A 186 3.00 -32.80 -16.37
C MET A 186 3.02 -33.41 -17.79
N LEU A 187 2.12 -34.37 -18.03
CA LEU A 187 1.93 -35.08 -19.33
C LEU A 187 0.53 -34.78 -19.81
N THR A 188 0.41 -34.34 -21.06
CA THR A 188 -0.91 -34.01 -21.68
C THR A 188 -1.22 -35.13 -22.67
N LEU A 189 -2.41 -35.71 -22.59
CA LEU A 189 -2.90 -36.86 -23.41
C LEU A 189 -4.42 -36.99 -23.22
N HIS A 190 -5.06 -37.90 -23.96
CA HIS A 190 -6.52 -38.12 -23.92
C HIS A 190 -6.88 -38.84 -22.60
N GLU A 191 -7.94 -38.40 -21.94
CA GLU A 191 -8.38 -38.91 -20.63
C GLU A 191 -8.73 -40.42 -20.70
N ARG A 192 -8.90 -40.98 -21.88
CA ARG A 192 -9.13 -42.43 -21.99
C ARG A 192 -7.84 -43.10 -21.47
N ASN A 193 -6.72 -42.36 -21.40
CA ASN A 193 -5.46 -42.96 -20.92
C ASN A 193 -5.27 -42.67 -19.44
N SER A 194 -6.19 -41.91 -18.81
CA SER A 194 -5.96 -41.32 -17.46
C SER A 194 -5.81 -42.46 -16.43
N VAL A 195 -6.70 -43.43 -16.41
CA VAL A 195 -6.73 -44.43 -15.30
C VAL A 195 -5.52 -45.36 -15.49
N TRP A 196 -5.21 -45.78 -16.70
CA TRP A 196 -3.97 -46.56 -16.93
C TRP A 196 -2.75 -45.77 -16.46
N LEU A 197 -2.60 -44.50 -16.89
CA LEU A 197 -1.40 -43.70 -16.51
C LEU A 197 -1.21 -43.67 -14.99
N GLU A 198 -2.28 -43.44 -14.28
CA GLU A 198 -2.29 -43.32 -12.79
C GLU A 198 -1.86 -44.65 -12.17
N GLY A 199 -2.42 -45.79 -12.62
CA GLY A 199 -2.03 -47.08 -12.05
C GLY A 199 -0.62 -47.41 -12.50
N ARG A 200 -0.29 -47.07 -13.75
CA ARG A 200 1.06 -47.41 -14.31
C ARG A 200 2.12 -46.62 -13.54
N LEU A 201 1.89 -45.32 -13.24
CA LEU A 201 2.80 -44.50 -12.38
C LEU A 201 2.98 -45.20 -11.02
N ARG A 202 1.88 -45.42 -10.30
CA ARG A 202 1.88 -46.05 -8.96
C ARG A 202 2.67 -47.38 -8.97
N SER A 203 2.58 -48.15 -10.03
CA SER A 203 3.24 -49.47 -10.17
C SER A 203 4.77 -49.30 -10.08
N VAL A 204 5.30 -48.10 -10.25
CA VAL A 204 6.78 -47.92 -10.16
C VAL A 204 7.12 -46.89 -9.08
N GLY A 205 6.18 -46.58 -8.19
CA GLY A 205 6.42 -45.75 -7.01
C GLY A 205 6.21 -44.26 -7.26
N ALA A 206 5.76 -43.89 -8.45
CA ALA A 206 5.36 -42.51 -8.81
C ALA A 206 3.92 -42.23 -8.34
N MET A 207 3.64 -41.01 -7.95
CA MET A 207 2.31 -40.64 -7.39
C MET A 207 1.61 -39.61 -8.28
N PRO A 208 0.45 -39.95 -8.89
CA PRO A 208 -0.36 -39.01 -9.66
C PRO A 208 -0.90 -37.96 -8.70
N LEU A 209 -0.99 -36.69 -9.15
CA LEU A 209 -1.51 -35.59 -8.29
C LEU A 209 -2.84 -35.10 -8.83
N TYR A 210 -2.90 -34.65 -10.09
CA TYR A 210 -4.06 -33.89 -10.62
C TYR A 210 -4.11 -34.10 -12.14
N ALA A 211 -5.32 -34.05 -12.66
CA ALA A 211 -5.67 -34.11 -14.10
C ALA A 211 -6.39 -32.82 -14.44
N MET A 212 -5.73 -31.92 -15.16
CA MET A 212 -6.20 -30.51 -15.39
C MET A 212 -7.01 -30.50 -16.70
N ARG A 213 -8.27 -30.02 -16.65
CA ARG A 213 -9.09 -29.67 -17.86
C ARG A 213 -9.42 -28.18 -17.69
N PRO A 214 -9.18 -27.27 -18.67
CA PRO A 214 -8.56 -27.61 -19.94
C PRO A 214 -7.07 -27.88 -19.79
N PRO A 215 -6.48 -28.55 -20.79
CA PRO A 215 -5.06 -28.85 -20.77
C PRO A 215 -4.29 -27.59 -21.10
N MET A 216 -2.95 -27.62 -21.00
CA MET A 216 -2.04 -26.47 -21.29
C MET A 216 -0.72 -26.99 -21.87
N HIS A 217 -0.11 -26.21 -22.74
CA HIS A 217 1.30 -26.29 -23.21
C HIS A 217 1.45 -27.51 -24.10
N ALA A 218 1.02 -27.39 -25.34
CA ALA A 218 1.16 -28.49 -26.33
C ALA A 218 1.35 -27.93 -27.73
N ALA A 219 2.33 -28.44 -28.48
CA ALA A 219 2.53 -28.11 -29.91
C ALA A 219 1.17 -28.19 -30.66
N ALA A 220 0.32 -29.15 -30.32
CA ALA A 220 -1.02 -29.31 -30.96
C ALA A 220 -1.94 -28.11 -30.74
N PHE A 221 -1.62 -27.15 -29.85
CA PHE A 221 -2.57 -26.05 -29.54
C PHE A 221 -2.22 -24.77 -30.34
N GLY A 222 -1.54 -24.89 -31.51
CA GLY A 222 -1.27 -23.75 -32.39
C GLY A 222 -2.54 -22.93 -32.65
N GLY A 223 -3.68 -23.57 -32.79
CA GLY A 223 -4.92 -22.82 -33.11
C GLY A 223 -5.32 -21.93 -31.95
N LEU A 224 -5.04 -22.36 -30.72
CA LEU A 224 -5.37 -21.54 -29.51
C LEU A 224 -4.40 -20.35 -29.48
N ARG A 225 -3.12 -20.58 -29.80
CA ARG A 225 -2.14 -19.49 -29.89
C ARG A 225 -2.65 -18.42 -30.85
N ASP A 226 -3.04 -18.85 -32.04
CA ASP A 226 -3.45 -18.01 -33.19
C ASP A 226 -4.72 -17.26 -32.75
N LYS A 227 -5.67 -17.96 -32.17
CA LYS A 227 -6.96 -17.35 -31.73
C LYS A 227 -6.70 -16.32 -30.59
N ALA A 228 -5.87 -16.67 -29.61
CA ALA A 228 -5.41 -15.72 -28.56
C ALA A 228 -4.74 -14.47 -29.13
N GLU A 229 -3.79 -14.68 -30.04
CA GLU A 229 -3.03 -13.58 -30.64
C GLU A 229 -4.04 -12.60 -31.29
N GLU A 230 -4.90 -13.13 -32.14
CA GLU A 230 -5.78 -12.30 -32.99
C GLU A 230 -6.80 -11.56 -32.10
N GLU A 231 -7.41 -12.27 -31.15
CA GLU A 231 -8.63 -11.80 -30.45
C GLU A 231 -8.29 -11.09 -29.13
N VAL A 232 -7.08 -11.24 -28.58
CA VAL A 232 -6.77 -10.78 -27.20
C VAL A 232 -5.47 -10.01 -27.14
N ILE A 233 -4.38 -10.59 -27.64
CA ILE A 233 -3.01 -10.11 -27.35
C ILE A 233 -2.63 -9.00 -28.34
N ALA A 234 -2.88 -9.16 -29.65
CA ALA A 234 -2.37 -8.20 -30.69
C ALA A 234 -2.90 -6.79 -30.44
N PRO A 235 -4.19 -6.58 -30.06
CA PRO A 235 -4.68 -5.24 -29.72
C PRO A 235 -3.89 -4.49 -28.64
N LEU A 236 -3.15 -5.22 -27.80
CA LEU A 236 -2.56 -4.62 -26.58
C LEU A 236 -1.23 -3.94 -26.95
N THR A 237 -0.91 -2.89 -26.20
CA THR A 237 0.40 -2.27 -26.19
C THR A 237 1.27 -2.86 -25.06
N PHE A 238 2.39 -3.43 -25.51
CA PHE A 238 3.44 -3.98 -24.63
C PHE A 238 4.56 -2.98 -24.52
N HIS A 239 5.04 -2.77 -23.29
CA HIS A 239 6.17 -1.86 -22.98
C HIS A 239 7.39 -2.71 -22.63
N ASP A 240 8.58 -2.12 -22.66
CA ASP A 240 9.79 -2.84 -22.20
C ASP A 240 9.73 -2.96 -20.67
N PRO A 241 9.98 -4.15 -20.08
CA PRO A 241 9.88 -4.28 -18.62
C PRO A 241 10.91 -3.37 -17.93
N THR A 242 10.61 -2.93 -16.70
CA THR A 242 11.47 -2.03 -15.87
C THR A 242 12.62 -2.84 -15.27
N LEU A 243 12.53 -4.18 -15.29
CA LEU A 243 13.62 -5.10 -14.86
C LEU A 243 13.59 -6.36 -15.69
N PRO A 244 14.71 -7.10 -15.83
CA PRO A 244 14.72 -8.28 -16.67
C PRO A 244 13.67 -9.30 -16.20
N VAL A 245 13.11 -10.02 -17.17
CA VAL A 245 12.11 -11.10 -16.98
C VAL A 245 12.74 -12.40 -17.49
N VAL A 246 12.78 -13.43 -16.66
CA VAL A 246 13.18 -14.79 -17.09
C VAL A 246 11.98 -15.54 -17.71
N ALA A 247 12.12 -15.96 -18.97
CA ALA A 247 11.07 -16.76 -19.66
C ALA A 247 10.94 -18.13 -18.96
N ASP A 248 9.73 -18.63 -18.79
CA ASP A 248 9.51 -19.94 -18.11
C ASP A 248 9.60 -21.04 -19.15
N GLN A 249 9.61 -20.70 -20.44
CA GLN A 249 9.79 -21.71 -21.50
C GLN A 249 11.21 -22.29 -21.34
N ASP A 250 12.21 -21.46 -21.08
CA ASP A 250 13.65 -21.92 -21.21
C ASP A 250 14.62 -21.06 -20.42
N GLY A 251 14.13 -20.20 -19.53
CA GLY A 251 15.02 -19.38 -18.71
C GLY A 251 15.69 -18.23 -19.49
N LYS A 252 15.38 -18.00 -20.77
CA LYS A 252 16.00 -16.86 -21.50
C LYS A 252 15.72 -15.57 -20.72
N VAL A 253 16.73 -14.74 -20.55
CA VAL A 253 16.53 -13.39 -19.95
C VAL A 253 15.91 -12.43 -20.98
N LEU A 254 14.66 -11.98 -20.74
CA LEU A 254 13.87 -11.08 -21.62
C LEU A 254 14.04 -9.62 -21.17
N THR A 255 14.13 -8.69 -22.10
CA THR A 255 14.30 -7.25 -21.73
C THR A 255 13.37 -6.34 -22.54
N THR A 256 12.57 -6.85 -23.49
CA THR A 256 11.70 -5.98 -24.33
C THR A 256 10.22 -6.39 -24.18
N GLY A 257 9.31 -5.49 -24.47
CA GLY A 257 7.86 -5.77 -24.49
C GLY A 257 7.49 -6.84 -25.49
N ASP A 258 8.12 -6.86 -26.69
CA ASP A 258 7.87 -7.88 -27.77
C ASP A 258 8.14 -9.29 -27.24
N GLU A 259 9.18 -9.44 -26.44
CA GLU A 259 9.60 -10.77 -25.87
C GLU A 259 8.60 -11.22 -24.80
N VAL A 260 8.06 -10.28 -24.04
CA VAL A 260 7.04 -10.66 -23.02
C VAL A 260 5.80 -11.13 -23.74
N ARG A 261 5.40 -10.41 -24.79
CA ARG A 261 4.25 -10.78 -25.66
C ARG A 261 4.46 -12.18 -26.27
N THR A 262 5.65 -12.46 -26.80
CA THR A 262 5.99 -13.77 -27.35
C THR A 262 5.87 -14.87 -26.25
N MET A 263 6.39 -14.62 -25.05
CA MET A 263 6.31 -15.57 -23.90
C MET A 263 4.83 -15.96 -23.72
N LEU A 264 3.90 -14.98 -23.74
CA LEU A 264 2.48 -15.27 -23.38
C LEU A 264 1.84 -16.18 -24.44
N LEU A 265 2.19 -15.95 -25.70
CA LEU A 265 1.76 -16.77 -26.85
C LEU A 265 2.44 -18.15 -26.83
N GLU A 266 3.73 -18.23 -26.53
CA GLU A 266 4.48 -19.51 -26.56
C GLU A 266 3.97 -20.43 -25.46
N SER A 267 3.39 -19.86 -24.40
CA SER A 267 2.80 -20.61 -23.27
C SER A 267 1.86 -21.68 -23.82
N PHE A 268 1.20 -21.43 -24.94
CA PHE A 268 0.13 -22.35 -25.42
C PHE A 268 0.77 -23.59 -26.03
N VAL A 269 2.01 -23.49 -26.55
CA VAL A 269 2.58 -24.51 -27.47
C VAL A 269 3.97 -24.99 -27.04
N ARG A 270 4.58 -24.42 -25.99
CA ARG A 270 5.90 -24.84 -25.44
C ARG A 270 5.72 -25.19 -23.97
N PRO A 271 6.46 -26.23 -23.49
CA PRO A 271 6.34 -26.67 -22.09
C PRO A 271 6.97 -25.66 -21.14
N LEU A 272 6.40 -25.52 -19.93
CA LEU A 272 7.11 -24.93 -18.77
C LEU A 272 8.39 -25.72 -18.51
N ARG A 273 9.52 -25.05 -18.35
CA ARG A 273 10.80 -25.69 -17.94
C ARG A 273 11.25 -25.00 -16.66
N TRP A 274 10.74 -25.48 -15.51
CA TRP A 274 10.97 -24.77 -14.23
C TRP A 274 12.44 -24.86 -13.86
N PRO A 275 13.13 -26.01 -14.08
CA PRO A 275 14.56 -26.09 -13.79
C PRO A 275 15.37 -25.00 -14.54
N ASP A 276 14.97 -24.69 -15.75
CA ASP A 276 15.67 -23.63 -16.58
C ASP A 276 15.44 -22.21 -16.03
N VAL A 277 14.29 -21.94 -15.44
CA VAL A 277 14.07 -20.65 -14.75
C VAL A 277 15.06 -20.59 -13.58
N ILE A 278 15.16 -21.65 -12.78
CA ILE A 278 16.00 -21.64 -11.56
C ILE A 278 17.48 -21.52 -11.98
N SER A 279 17.96 -22.27 -12.99
CA SER A 279 19.41 -22.13 -13.41
C SER A 279 19.68 -20.71 -13.94
N SER A 280 18.74 -20.13 -14.70
CA SER A 280 18.90 -18.75 -15.25
C SER A 280 18.99 -17.78 -14.08
N LEU A 281 18.01 -17.83 -13.16
CA LEU A 281 18.05 -16.96 -11.95
C LEU A 281 19.42 -17.10 -11.27
N GLN A 282 19.91 -18.32 -11.06
CA GLN A 282 21.20 -18.56 -10.40
C GLN A 282 22.29 -17.83 -11.19
N ASP A 283 22.25 -17.96 -12.51
CA ASP A 283 23.27 -17.34 -13.39
C ASP A 283 23.18 -15.80 -13.37
N GLN A 284 22.04 -15.22 -13.02
CA GLN A 284 21.87 -13.75 -12.94
C GLN A 284 22.20 -13.30 -11.52
N GLY A 285 22.69 -14.22 -10.69
CA GLY A 285 23.26 -13.89 -9.38
C GLY A 285 22.20 -13.90 -8.27
N VAL A 286 21.03 -14.49 -8.49
CA VAL A 286 19.92 -14.53 -7.48
C VAL A 286 20.27 -15.55 -6.40
N THR A 287 19.97 -15.26 -5.13
CA THR A 287 20.19 -16.16 -3.96
C THR A 287 18.89 -16.31 -3.17
N ARG A 288 17.94 -15.39 -3.31
CA ARG A 288 16.68 -15.38 -2.53
C ARG A 288 15.54 -15.11 -3.50
N VAL A 289 14.45 -15.86 -3.38
CA VAL A 289 13.23 -15.58 -4.19
C VAL A 289 12.04 -15.25 -3.29
N CYS A 290 11.21 -14.35 -3.79
CA CYS A 290 9.87 -14.08 -3.23
C CYS A 290 8.86 -14.64 -4.20
N VAL A 291 8.06 -15.64 -3.78
CA VAL A 291 6.90 -16.12 -4.57
C VAL A 291 5.68 -15.31 -4.14
N ALA A 292 5.16 -14.50 -5.06
CA ALA A 292 4.04 -13.57 -4.79
C ALA A 292 2.73 -14.23 -5.15
N GLY A 293 1.96 -14.62 -4.14
CA GLY A 293 0.57 -15.01 -4.33
C GLY A 293 0.31 -16.38 -3.71
N PRO A 294 -0.97 -16.79 -3.69
CA PRO A 294 -1.35 -18.13 -3.24
C PRO A 294 -0.66 -19.20 -4.10
N ASP A 295 -0.05 -20.20 -3.45
CA ASP A 295 0.85 -21.15 -4.17
C ASP A 295 1.23 -22.28 -3.20
N SER A 296 1.09 -23.51 -3.65
CA SER A 296 1.62 -24.68 -2.94
C SER A 296 2.41 -25.57 -3.89
N LEU A 297 3.05 -24.97 -4.91
CA LEU A 297 4.00 -25.69 -5.80
C LEU A 297 5.33 -24.95 -5.93
N PHE A 298 5.40 -23.73 -6.49
CA PHE A 298 6.66 -23.04 -6.90
C PHE A 298 7.55 -22.64 -5.73
N GLY A 299 6.95 -22.27 -4.60
CA GLY A 299 7.76 -21.89 -3.43
C GLY A 299 8.26 -23.09 -2.65
N ARG A 300 7.66 -24.26 -2.82
CA ARG A 300 7.95 -25.42 -1.93
C ARG A 300 8.66 -26.55 -2.64
N VAL A 301 8.64 -26.58 -3.95
CA VAL A 301 9.16 -27.71 -4.74
C VAL A 301 10.68 -27.67 -4.62
N GLY A 302 11.33 -28.83 -4.62
CA GLY A 302 12.80 -28.94 -4.43
C GLY A 302 13.60 -28.15 -5.45
N THR A 303 13.16 -28.11 -6.71
CA THR A 303 13.83 -27.29 -7.75
C THR A 303 14.17 -25.87 -7.24
N THR A 304 13.19 -25.23 -6.60
CA THR A 304 13.33 -23.89 -6.03
C THR A 304 14.14 -23.91 -4.74
N THR A 305 13.78 -24.74 -3.75
CA THR A 305 14.29 -24.63 -2.36
C THR A 305 15.76 -25.10 -2.31
N ARG A 306 16.12 -26.08 -3.14
CA ARG A 306 17.57 -26.48 -3.23
C ARG A 306 18.41 -25.30 -3.69
N ALA A 307 17.90 -24.38 -4.48
CA ALA A 307 18.71 -23.27 -5.06
C ALA A 307 18.63 -21.99 -4.20
N PHE A 308 17.48 -21.68 -3.60
CA PHE A 308 17.21 -20.32 -3.07
C PHE A 308 16.53 -20.39 -1.69
N GLU A 309 16.86 -19.44 -0.84
CA GLU A 309 15.99 -19.00 0.28
C GLU A 309 14.65 -18.60 -0.33
N VAL A 310 13.57 -19.08 0.24
CA VAL A 310 12.23 -18.77 -0.29
C VAL A 310 11.44 -17.93 0.71
N ILE A 311 10.93 -16.80 0.26
CA ILE A 311 9.86 -16.06 0.99
C ILE A 311 8.54 -16.39 0.31
N ALA A 312 7.52 -16.86 1.06
CA ALA A 312 6.24 -17.25 0.45
C ALA A 312 5.15 -16.23 0.81
N ALA A 313 4.99 -15.23 -0.03
CA ALA A 313 4.08 -14.10 0.18
C ALA A 313 2.69 -14.54 -0.24
N THR A 314 2.04 -15.29 0.64
CA THR A 314 0.69 -15.86 0.42
C THR A 314 -0.33 -14.99 1.13
N PRO A 315 -1.61 -15.10 0.76
CA PRO A 315 -2.67 -14.51 1.58
C PRO A 315 -2.55 -14.96 3.03
N ARG A 316 -2.23 -16.24 3.27
CA ARG A 316 -2.22 -16.74 4.68
C ARG A 316 -1.17 -15.95 5.46
N LEU A 317 0.03 -15.75 4.90
CA LEU A 317 1.11 -14.98 5.56
C LEU A 317 0.66 -13.54 5.82
N ALA A 318 0.11 -12.86 4.82
CA ALA A 318 -0.28 -11.43 4.91
C ALA A 318 -1.49 -11.26 5.87
N LEU A 319 -2.22 -12.33 6.18
CA LEU A 319 -3.33 -12.32 7.17
C LEU A 319 -2.79 -12.51 8.60
N GLN A 320 -1.51 -12.90 8.80
CA GLN A 320 -0.96 -13.16 10.17
C GLN A 320 -0.96 -11.87 10.98
N PRO A 321 -1.09 -11.94 12.32
CA PRO A 321 -1.00 -10.74 13.14
C PRO A 321 0.48 -10.27 13.25
N MET B 4 -4.35 -47.71 17.27
CA MET B 4 -3.17 -48.64 17.47
C MET B 4 -1.81 -47.98 17.09
N TRP B 5 -1.71 -46.69 16.70
CA TRP B 5 -0.39 -46.04 16.39
C TRP B 5 0.33 -45.58 17.66
N ASP B 6 1.56 -45.09 17.47
CA ASP B 6 2.46 -44.68 18.58
C ASP B 6 3.02 -43.29 18.34
N ALA B 7 3.86 -42.82 19.28
CA ALA B 7 4.42 -41.46 19.32
C ALA B 7 5.31 -41.23 18.09
N GLN B 8 6.13 -42.22 17.75
CA GLN B 8 7.08 -42.12 16.59
C GLN B 8 6.27 -41.72 15.34
N PHE B 9 5.18 -42.45 15.06
CA PHE B 9 4.31 -42.19 13.91
C PHE B 9 3.62 -40.83 13.99
N GLU B 10 3.14 -40.47 15.16
CA GLU B 10 2.27 -39.29 15.29
C GLU B 10 3.16 -38.04 15.22
N ASN B 11 4.34 -38.08 15.82
CA ASN B 11 5.27 -36.93 15.78
C ASN B 11 5.61 -36.69 14.30
N LEU B 12 5.77 -37.78 13.57
CA LEU B 12 6.17 -37.75 12.15
C LEU B 12 5.03 -37.09 11.33
N LEU B 13 3.85 -37.67 11.39
CA LEU B 13 2.65 -37.13 10.71
C LEU B 13 2.41 -35.66 11.08
N ARG B 14 2.47 -35.30 12.36
CA ARG B 14 2.02 -33.96 12.80
C ARG B 14 2.92 -32.89 12.16
N ARG B 15 4.14 -33.23 11.70
CA ARG B 15 5.00 -32.25 11.02
C ARG B 15 4.32 -31.78 9.72
N TYR B 16 3.34 -32.51 9.19
CA TYR B 16 2.71 -32.19 7.87
C TYR B 16 1.25 -31.80 8.01
N LEU B 17 0.81 -31.43 9.21
CA LEU B 17 -0.61 -31.09 9.49
C LEU B 17 -0.70 -29.73 10.16
N PRO B 18 -0.48 -28.66 9.37
CA PRO B 18 -0.27 -27.33 9.93
C PRO B 18 -1.53 -26.77 10.60
N PHE B 19 -2.72 -27.26 10.30
CA PHE B 19 -3.93 -26.64 10.88
C PHE B 19 -4.39 -27.47 12.09
N LEU B 20 -3.56 -28.40 12.58
CA LEU B 20 -3.80 -29.11 13.87
C LEU B 20 -2.79 -28.61 14.93
N SER B 21 -3.32 -28.07 16.03
CA SER B 21 -2.54 -27.52 17.17
C SER B 21 -2.03 -28.71 18.00
N ALA B 22 -0.92 -28.53 18.70
CA ALA B 22 -0.27 -29.61 19.48
C ALA B 22 -1.19 -30.05 20.63
N ASP B 23 -2.13 -29.21 21.08
CA ASP B 23 -3.06 -29.53 22.17
C ASP B 23 -4.37 -30.14 21.67
N GLN B 24 -4.49 -30.41 20.37
CA GLN B 24 -5.71 -31.01 19.78
C GLN B 24 -5.38 -32.48 19.53
N PRO B 25 -6.33 -33.40 19.80
CA PRO B 25 -6.12 -34.82 19.53
C PRO B 25 -6.05 -35.10 18.03
N LEU B 26 -5.32 -36.15 17.67
CA LEU B 26 -5.23 -36.64 16.28
C LEU B 26 -6.23 -37.78 16.20
N GLU B 27 -7.42 -37.53 15.63
CA GLU B 27 -8.54 -38.52 15.61
C GLU B 27 -8.19 -39.56 14.53
N GLN B 28 -8.66 -40.78 14.71
CA GLN B 28 -8.46 -41.88 13.76
C GLN B 28 -8.97 -41.52 12.37
N ASP B 29 -10.11 -40.84 12.28
CA ASP B 29 -10.77 -40.62 10.98
C ASP B 29 -10.75 -39.15 10.55
N ILE B 30 -9.96 -38.27 11.18
CA ILE B 30 -9.88 -36.84 10.73
C ILE B 30 -9.39 -36.83 9.27
N ASN B 31 -10.03 -36.01 8.46
CA ASN B 31 -9.62 -35.77 7.05
C ASN B 31 -8.28 -35.02 7.07
N LEU B 32 -7.20 -35.63 6.57
CA LEU B 32 -5.84 -35.04 6.64
C LEU B 32 -5.75 -33.74 5.81
N ARG B 33 -6.35 -33.72 4.59
CA ARG B 33 -6.36 -32.54 3.68
C ARG B 33 -6.97 -31.35 4.43
N ASP B 34 -8.09 -31.54 5.15
CA ASP B 34 -8.76 -30.48 5.94
C ASP B 34 -7.86 -29.88 7.02
N ILE B 35 -6.92 -30.63 7.61
CA ILE B 35 -5.98 -30.02 8.62
C ILE B 35 -4.60 -29.81 7.97
N GLY B 36 -4.54 -29.78 6.64
CA GLY B 36 -3.50 -29.07 5.88
C GLY B 36 -2.51 -29.97 5.22
N LEU B 37 -2.80 -31.27 5.16
CA LEU B 37 -1.97 -32.15 4.30
C LEU B 37 -2.32 -31.86 2.83
N ASP B 38 -1.31 -31.61 2.02
CA ASP B 38 -1.52 -31.22 0.59
C ASP B 38 -0.49 -32.00 -0.24
N SER B 39 -0.35 -31.70 -1.54
CA SER B 39 0.37 -32.59 -2.48
C SER B 39 1.83 -32.64 -2.06
N LEU B 40 2.47 -31.49 -1.89
CA LEU B 40 3.92 -31.49 -1.62
C LEU B 40 4.18 -31.87 -0.16
N GLY B 41 3.25 -31.59 0.76
CA GLY B 41 3.29 -32.15 2.14
C GLY B 41 3.26 -33.69 2.11
N THR B 42 2.51 -34.28 1.19
CA THR B 42 2.42 -35.74 1.01
C THR B 42 3.74 -36.27 0.47
N VAL B 43 4.30 -35.64 -0.54
CA VAL B 43 5.63 -36.06 -1.06
C VAL B 43 6.63 -36.10 0.11
N GLU B 44 6.69 -35.07 0.96
CA GLU B 44 7.69 -34.98 2.06
C GLU B 44 7.40 -36.06 3.09
N LEU B 45 6.14 -36.16 3.49
CA LEU B 45 5.63 -37.20 4.40
C LEU B 45 6.10 -38.59 3.90
N LEU B 46 5.81 -38.89 2.64
CA LEU B 46 6.14 -40.20 2.03
C LEU B 46 7.64 -40.44 2.15
N SER B 47 8.43 -39.45 1.80
CA SER B 47 9.91 -39.54 1.84
C SER B 47 10.36 -39.83 3.29
N GLU B 48 9.69 -39.20 4.27
CA GLU B 48 10.08 -39.40 5.68
C GLU B 48 9.59 -40.78 6.13
N LEU B 49 8.39 -41.19 5.75
CA LEU B 49 7.88 -42.52 6.17
C LEU B 49 8.78 -43.61 5.58
N GLU B 50 9.22 -43.43 4.34
CA GLU B 50 10.01 -44.47 3.64
C GLU B 50 11.38 -44.57 4.28
N ASN B 51 12.04 -43.45 4.60
CA ASN B 51 13.38 -43.47 5.27
C ASN B 51 13.28 -44.03 6.69
N THR B 52 12.35 -43.51 7.50
CA THR B 52 12.11 -43.96 8.89
C THR B 52 11.83 -45.46 8.97
N TYR B 53 10.90 -45.99 8.16
CA TYR B 53 10.37 -47.37 8.37
C TYR B 53 11.02 -48.37 7.40
N ASP B 54 11.86 -47.91 6.48
CA ASP B 54 12.50 -48.77 5.46
C ASP B 54 11.41 -49.51 4.69
N VAL B 55 10.52 -48.75 4.05
CA VAL B 55 9.40 -49.26 3.22
C VAL B 55 9.40 -48.50 1.91
N HIS B 56 8.83 -49.08 0.88
CA HIS B 56 8.61 -48.40 -0.43
C HIS B 56 7.10 -48.39 -0.72
N PHE B 57 6.45 -47.23 -0.67
CA PHE B 57 5.03 -47.11 -1.01
C PHE B 57 4.92 -47.27 -2.54
N GLN B 58 4.09 -48.19 -3.00
CA GLN B 58 3.82 -48.40 -4.45
C GLN B 58 2.43 -49.03 -4.61
N ASP B 59 1.93 -49.15 -5.86
CA ASP B 59 0.65 -49.83 -6.19
C ASP B 59 -0.45 -49.13 -5.39
N GLU B 60 -1.33 -49.87 -4.72
CA GLU B 60 -2.50 -49.28 -4.01
C GLU B 60 -2.04 -48.37 -2.85
N ALA B 61 -0.82 -48.50 -2.34
CA ALA B 61 -0.37 -47.69 -1.19
C ALA B 61 -0.14 -46.22 -1.62
N LEU B 62 -0.23 -45.92 -2.92
CA LEU B 62 -0.04 -44.55 -3.44
C LEU B 62 -1.35 -43.92 -3.90
N THR B 63 -2.50 -44.59 -3.69
CA THR B 63 -3.81 -43.99 -4.00
C THR B 63 -4.13 -42.90 -2.97
N LYS B 64 -4.91 -41.90 -3.37
CA LYS B 64 -5.46 -40.82 -2.52
C LYS B 64 -5.97 -41.38 -1.22
N GLU B 65 -6.61 -42.56 -1.26
CA GLU B 65 -7.36 -43.14 -0.11
C GLU B 65 -6.36 -43.40 1.02
N THR B 66 -5.12 -43.79 0.70
CA THR B 66 -4.03 -44.04 1.66
C THR B 66 -3.87 -42.85 2.61
N PHE B 67 -3.97 -41.60 2.11
CA PHE B 67 -3.68 -40.37 2.89
C PHE B 67 -4.96 -39.66 3.32
N GLU B 68 -6.08 -40.35 3.30
CA GLU B 68 -7.38 -39.68 3.61
C GLU B 68 -7.44 -39.41 5.12
N THR B 69 -7.05 -40.38 5.95
CA THR B 69 -7.09 -40.28 7.42
C THR B 69 -5.84 -40.89 8.04
N PRO B 70 -5.48 -40.51 9.28
CA PRO B 70 -4.35 -41.12 9.95
C PRO B 70 -4.61 -42.61 10.17
N GLY B 71 -5.88 -43.00 10.40
CA GLY B 71 -6.27 -44.43 10.54
C GLY B 71 -5.88 -45.25 9.32
N VAL B 72 -6.28 -44.82 8.14
CA VAL B 72 -5.98 -45.61 6.91
C VAL B 72 -4.47 -45.57 6.65
N LEU B 73 -3.82 -44.42 6.85
CA LEU B 73 -2.38 -44.29 6.57
C LEU B 73 -1.61 -45.21 7.53
N TRP B 74 -2.02 -45.30 8.79
CA TRP B 74 -1.36 -46.17 9.81
C TRP B 74 -1.49 -47.65 9.39
N LYS B 75 -2.69 -48.07 9.00
CA LYS B 75 -2.98 -49.45 8.56
C LYS B 75 -2.04 -49.78 7.39
N THR B 76 -1.97 -48.87 6.41
CA THR B 76 -1.18 -49.06 5.16
C THR B 76 0.29 -49.21 5.50
N LEU B 77 0.81 -48.30 6.32
CA LEU B 77 2.22 -48.36 6.78
C LEU B 77 2.42 -49.68 7.54
N SER B 78 1.46 -50.08 8.35
CA SER B 78 1.59 -51.30 9.20
C SER B 78 1.74 -52.54 8.33
N GLN B 79 0.94 -52.65 7.25
CA GLN B 79 0.93 -53.85 6.38
C GLN B 79 2.32 -54.00 5.75
N MET B 80 3.11 -52.91 5.67
CA MET B 80 4.40 -52.91 4.93
C MET B 80 5.53 -53.16 5.91
N VAL B 81 5.42 -52.66 7.14
CA VAL B 81 6.49 -52.88 8.16
C VAL B 81 6.38 -54.33 8.66
N GLU B 82 5.23 -55.02 8.43
CA GLU B 82 5.00 -56.47 8.74
C GLU B 82 3.68 -56.99 8.14
N ALA C 19 -5.78 4.51 -12.56
CA ALA C 19 -4.28 4.26 -12.52
C ALA C 19 -3.64 5.16 -11.44
N GLY C 20 -4.39 5.96 -10.70
CA GLY C 20 -3.78 6.77 -9.61
C GLY C 20 -3.50 5.97 -8.34
N ALA C 21 -3.18 6.66 -7.26
CA ALA C 21 -2.96 6.12 -5.90
C ALA C 21 -3.17 7.26 -4.93
N THR C 22 -3.59 6.96 -3.70
CA THR C 22 -3.99 7.96 -2.70
C THR C 22 -3.03 7.86 -1.51
N ALA C 23 -2.69 9.02 -0.94
CA ALA C 23 -2.06 9.15 0.39
C ALA C 23 -3.07 9.78 1.35
N MET C 24 -3.00 9.40 2.61
CA MET C 24 -3.77 10.05 3.71
C MET C 24 -2.76 10.98 4.38
N LEU C 25 -3.05 12.27 4.41
CA LEU C 25 -2.20 13.33 5.00
C LEU C 25 -2.86 13.85 6.28
N PHE C 26 -2.03 14.08 7.29
CA PHE C 26 -2.43 14.69 8.58
C PHE C 26 -1.76 16.05 8.73
N PRO C 27 -2.56 17.09 8.83
CA PRO C 27 -2.04 18.46 8.79
C PRO C 27 -1.47 18.90 10.15
N GLY C 28 -0.75 20.02 10.15
CA GLY C 28 -0.36 20.77 11.34
C GLY C 28 -1.61 21.33 12.04
N MET C 29 -1.51 21.63 13.32
CA MET C 29 -2.65 22.15 14.12
C MET C 29 -2.71 23.69 13.99
N GLY C 30 -3.77 24.21 13.41
CA GLY C 30 -4.01 25.67 13.38
C GLY C 30 -4.82 26.08 14.61
N PRO C 31 -5.05 27.39 14.81
CA PRO C 31 -5.70 27.87 16.03
C PRO C 31 -7.06 27.22 16.33
N ALA C 32 -7.16 26.43 17.42
CA ALA C 32 -8.42 25.78 17.80
C ALA C 32 -9.51 26.84 17.94
N ALA C 33 -10.74 26.44 17.71
CA ALA C 33 -11.91 27.34 17.72
C ALA C 33 -13.07 26.42 18.10
N PHE C 34 -13.31 26.27 19.39
CA PHE C 34 -14.23 25.24 19.89
C PHE C 34 -15.54 25.32 19.10
N SER C 35 -16.01 26.53 18.81
CA SER C 35 -17.33 26.78 18.16
C SER C 35 -17.29 26.29 16.71
N ASP C 36 -16.10 26.14 16.13
CA ASP C 36 -15.92 25.48 14.80
C ASP C 36 -16.29 23.98 14.89
N VAL C 37 -15.99 23.30 15.99
CA VAL C 37 -15.98 21.80 15.95
C VAL C 37 -16.75 21.15 17.10
N GLY C 38 -17.25 21.90 18.08
CA GLY C 38 -17.92 21.31 19.25
C GLY C 38 -19.13 20.51 18.85
N ARG C 39 -19.99 21.08 18.01
CA ARG C 39 -21.27 20.43 17.58
C ARG C 39 -20.93 19.22 16.68
N PHE C 40 -19.96 19.36 15.79
CA PHE C 40 -19.47 18.25 14.94
C PHE C 40 -19.11 17.08 15.89
N MET C 41 -18.27 17.32 16.88
CA MET C 41 -17.60 16.27 17.69
C MET C 41 -18.68 15.37 18.35
N VAL C 42 -19.76 15.95 18.84
CA VAL C 42 -20.77 15.18 19.62
C VAL C 42 -21.84 14.55 18.72
N THR C 43 -21.89 14.89 17.42
CA THR C 43 -22.93 14.38 16.46
C THR C 43 -22.30 13.39 15.46
N ASN C 44 -21.10 13.63 14.96
CA ASN C 44 -20.50 12.73 13.95
C ASN C 44 -20.16 11.39 14.63
N ARG C 45 -20.44 10.26 14.00
CA ARG C 45 -20.25 8.94 14.66
C ARG C 45 -18.77 8.58 14.72
N TYR C 46 -17.96 9.12 13.81
CA TYR C 46 -16.49 8.86 13.74
C TYR C 46 -15.82 9.55 14.90
N THR C 47 -16.16 10.82 15.19
CA THR C 47 -15.65 11.53 16.40
C THR C 47 -16.23 10.88 17.68
N ARG C 48 -17.53 10.65 17.76
CA ARG C 48 -18.16 10.08 18.98
C ARG C 48 -17.49 8.77 19.38
N GLU C 49 -17.12 7.95 18.39
CA GLU C 49 -16.49 6.64 18.68
C GLU C 49 -15.13 6.87 19.33
N LEU C 50 -14.27 7.69 18.72
CA LEU C 50 -12.95 7.97 19.31
C LEU C 50 -13.05 8.76 20.62
N LEU C 51 -14.01 9.68 20.73
CA LEU C 51 -14.18 10.43 22.00
C LEU C 51 -14.41 9.43 23.14
N ALA C 52 -15.28 8.46 22.94
CA ALA C 52 -15.55 7.45 24.01
C ALA C 52 -14.22 6.85 24.49
N GLU C 53 -13.33 6.56 23.56
CA GLU C 53 -12.01 5.98 23.87
C GLU C 53 -11.09 7.02 24.54
N ALA C 54 -10.97 8.23 23.97
CA ALA C 54 -10.22 9.35 24.56
C ALA C 54 -10.73 9.62 25.98
N ASP C 55 -12.04 9.74 26.18
CA ASP C 55 -12.56 10.07 27.54
C ASP C 55 -12.19 8.96 28.54
N ASP C 56 -12.33 7.68 28.15
CA ASP C 56 -11.91 6.54 29.02
C ASP C 56 -10.39 6.62 29.31
N THR C 57 -9.56 6.89 28.32
CA THR C 57 -8.07 6.95 28.54
C THR C 57 -7.71 8.10 29.51
N LEU C 58 -8.36 9.25 29.36
CA LEU C 58 -8.00 10.50 30.09
C LEU C 58 -8.68 10.54 31.46
N GLY C 59 -9.83 9.88 31.61
CA GLY C 59 -10.60 9.93 32.88
C GLY C 59 -11.35 11.24 33.03
N TYR C 60 -11.61 11.97 31.95
CA TYR C 60 -12.48 13.17 31.96
C TYR C 60 -13.23 13.26 30.63
N SER C 61 -14.25 14.11 30.58
CA SER C 61 -14.93 14.54 29.33
C SER C 61 -14.03 15.51 28.54
N LEU C 62 -13.47 15.06 27.42
CA LEU C 62 -12.52 15.90 26.66
C LEU C 62 -13.32 17.10 26.15
N VAL C 63 -14.52 16.88 25.65
CA VAL C 63 -15.35 17.97 25.07
C VAL C 63 -15.63 19.04 26.15
N ASP C 64 -15.91 18.65 27.40
CA ASP C 64 -16.17 19.64 28.49
C ASP C 64 -14.90 20.45 28.77
N ARG C 65 -13.77 19.78 28.93
CA ARG C 65 -12.49 20.48 29.25
C ARG C 65 -12.11 21.37 28.08
N PHE C 66 -12.36 20.93 26.85
CA PHE C 66 -12.05 21.70 25.64
C PHE C 66 -12.95 22.97 25.55
N ARG C 67 -14.21 22.83 25.92
CA ARG C 67 -15.14 23.98 25.93
C ARG C 67 -14.64 25.10 26.85
N GLN C 68 -14.10 24.77 28.03
CA GLN C 68 -13.68 25.76 29.06
C GLN C 68 -12.24 26.21 28.81
N ALA C 69 -11.51 25.61 27.86
CA ALA C 69 -10.08 25.96 27.68
C ALA C 69 -9.99 27.35 27.10
N GLU C 70 -9.08 28.17 27.58
CA GLU C 70 -8.76 29.44 26.93
C GLU C 70 -7.56 29.17 26.01
N GLY C 71 -7.34 30.08 25.10
CA GLY C 71 -6.24 30.01 24.15
C GLY C 71 -6.61 29.09 23.02
N ASP C 72 -5.67 28.95 22.08
CA ASP C 72 -5.87 28.26 20.78
C ASP C 72 -5.08 26.95 20.75
N TYR C 73 -4.16 26.77 21.69
CA TYR C 73 -3.29 25.59 21.70
C TYR C 73 -3.27 24.96 23.07
N SER C 74 -4.38 24.97 23.78
CA SER C 74 -4.43 24.32 25.10
C SER C 74 -4.18 22.81 24.90
N GLU C 75 -3.81 22.14 25.98
CA GLU C 75 -3.69 20.68 26.02
C GLU C 75 -4.97 20.06 25.43
N TYR C 76 -6.14 20.52 25.91
CA TYR C 76 -7.43 19.93 25.51
C TYR C 76 -7.67 20.12 23.99
N ALA C 77 -7.36 21.28 23.46
CA ALA C 77 -7.55 21.53 22.03
C ALA C 77 -6.58 20.66 21.22
N GLN C 78 -5.44 20.32 21.79
CA GLN C 78 -4.45 19.48 21.05
C GLN C 78 -4.98 18.06 20.98
N ILE C 79 -5.56 17.58 22.07
CA ILE C 79 -6.13 16.21 22.09
C ILE C 79 -7.35 16.19 21.18
N ALA C 80 -8.23 17.22 21.28
CA ALA C 80 -9.43 17.31 20.43
C ALA C 80 -9.01 17.32 18.94
N PHE C 81 -7.98 18.07 18.58
CA PHE C 81 -7.40 18.10 17.22
C PHE C 81 -6.97 16.70 16.77
N LEU C 82 -6.28 15.94 17.61
CA LEU C 82 -5.95 14.50 17.35
C LEU C 82 -7.22 13.69 17.04
N VAL C 83 -8.27 13.83 17.86
CA VAL C 83 -9.52 13.09 17.65
C VAL C 83 -10.08 13.46 16.28
N ASN C 84 -10.20 14.75 15.98
CA ASN C 84 -10.85 15.30 14.75
C ASN C 84 -10.12 14.78 13.52
N CYS C 85 -8.79 14.76 13.51
CA CYS C 85 -8.04 14.33 12.32
C CYS C 85 -8.18 12.81 12.15
N VAL C 86 -8.02 12.07 13.23
CA VAL C 86 -8.02 10.58 13.15
C VAL C 86 -9.44 10.14 12.74
N ALA C 87 -10.46 10.74 13.33
CA ALA C 87 -11.85 10.42 12.96
C ALA C 87 -12.11 10.73 11.47
N LEU C 88 -11.67 11.92 11.00
CA LEU C 88 -12.03 12.38 9.64
C LEU C 88 -11.29 11.51 8.62
N ALA C 89 -10.15 10.91 8.98
CA ALA C 89 -9.45 9.99 8.06
C ALA C 89 -10.34 8.76 7.83
N ARG C 90 -10.88 8.19 8.89
CA ARG C 90 -11.78 7.00 8.81
C ARG C 90 -13.10 7.42 8.11
N TRP C 91 -13.63 8.61 8.43
CA TRP C 91 -14.88 9.10 7.76
C TRP C 91 -14.66 9.16 6.23
N ALA C 92 -13.53 9.73 5.79
CA ALA C 92 -13.19 9.80 4.36
C ALA C 92 -13.04 8.39 3.75
N GLU C 93 -12.32 7.48 4.40
CA GLU C 93 -12.17 6.07 3.91
C GLU C 93 -13.54 5.42 3.70
N GLN C 94 -14.46 5.58 4.66
CA GLN C 94 -15.76 4.88 4.67
C GLN C 94 -16.77 5.55 3.75
N THR C 95 -16.66 6.86 3.49
CA THR C 95 -17.69 7.60 2.70
C THR C 95 -17.22 7.88 1.28
N MET C 96 -15.94 7.69 0.98
CA MET C 96 -15.36 8.02 -0.34
C MET C 96 -14.57 6.84 -0.88
N ASP C 97 -14.64 5.68 -0.23
CA ASP C 97 -14.13 4.39 -0.78
C ASP C 97 -12.63 4.59 -1.08
N LEU C 98 -11.92 5.25 -0.17
CA LEU C 98 -10.48 5.54 -0.28
C LEU C 98 -9.72 4.30 0.16
N THR C 99 -8.74 3.85 -0.64
CA THR C 99 -7.69 2.95 -0.13
C THR C 99 -6.34 3.59 -0.32
N PRO C 100 -5.81 4.30 0.71
CA PRO C 100 -4.52 4.95 0.64
C PRO C 100 -3.43 3.88 0.58
N ARG C 101 -2.37 4.07 -0.21
CA ARG C 101 -1.18 3.16 -0.18
C ARG C 101 -0.15 3.65 0.84
N ILE C 102 -0.20 4.93 1.25
CA ILE C 102 0.85 5.61 2.04
C ILE C 102 0.26 6.77 2.83
N CYS C 103 0.95 7.24 3.82
CA CYS C 103 0.40 8.35 4.67
C CYS C 103 1.56 9.20 5.14
N ALA C 104 1.20 10.41 5.59
CA ALA C 104 2.17 11.43 6.05
C ALA C 104 1.51 12.41 7.01
N GLY C 105 2.28 12.85 7.97
CA GLY C 105 1.89 13.83 9.01
C GLY C 105 2.91 14.97 9.11
N ALA C 106 2.43 16.19 9.00
CA ALA C 106 3.17 17.44 9.19
C ALA C 106 2.96 18.00 10.59
N CYS C 107 4.07 18.16 11.33
CA CYS C 107 4.14 18.83 12.64
C CYS C 107 3.21 18.03 13.57
N PHE C 108 2.15 18.63 14.08
CA PHE C 108 1.24 17.86 14.96
C PHE C 108 0.83 16.57 14.27
N GLY C 109 0.61 16.61 12.97
CA GLY C 109 0.08 15.46 12.24
C GLY C 109 1.00 14.26 12.38
N GLU C 110 2.25 14.43 12.80
CA GLU C 110 3.12 13.26 13.13
C GLU C 110 2.37 12.39 14.15
N LYS C 111 1.64 13.03 15.07
CA LYS C 111 0.90 12.37 16.19
C LYS C 111 -0.33 11.65 15.65
N SER C 112 -1.06 12.33 14.79
CA SER C 112 -2.28 11.77 14.17
C SER C 112 -1.84 10.64 13.24
N VAL C 113 -0.74 10.78 12.49
CA VAL C 113 -0.29 9.68 11.56
C VAL C 113 0.26 8.46 12.34
N ALA C 114 0.93 8.66 13.49
CA ALA C 114 1.27 7.57 14.42
C ALA C 114 0.04 6.72 14.76
N ALA C 115 -1.11 7.34 15.06
CA ALA C 115 -2.33 6.58 15.42
C ALA C 115 -2.86 5.91 14.15
N TYR C 116 -3.04 6.71 13.09
CA TYR C 116 -3.69 6.21 11.85
C TYR C 116 -2.96 4.98 11.31
N SER C 117 -1.62 5.00 11.36
CA SER C 117 -0.78 3.94 10.75
C SER C 117 -0.69 2.73 11.69
N GLY C 118 -1.19 2.87 12.92
CA GLY C 118 -1.11 1.77 13.90
C GLY C 118 0.25 1.69 14.60
N ALA C 119 1.09 2.74 14.50
CA ALA C 119 2.42 2.74 15.13
C ALA C 119 2.25 2.96 16.64
N LEU C 120 1.14 3.58 17.01
CA LEU C 120 0.70 3.70 18.43
C LEU C 120 -0.77 3.36 18.45
N THR C 121 -1.22 2.64 19.46
CA THR C 121 -2.68 2.48 19.71
C THR C 121 -3.25 3.89 19.85
N PHE C 122 -4.53 4.04 19.60
CA PHE C 122 -5.19 5.36 19.74
C PHE C 122 -5.01 5.81 21.18
N ALA C 123 -5.21 4.90 22.14
CA ALA C 123 -5.02 5.17 23.60
C ALA C 123 -3.63 5.77 23.86
N ASP C 124 -2.55 5.16 23.33
CA ASP C 124 -1.16 5.67 23.50
C ASP C 124 -0.94 7.01 22.79
N ALA C 125 -1.55 7.21 21.64
CA ALA C 125 -1.45 8.49 20.91
C ALA C 125 -2.13 9.58 21.75
N VAL C 126 -3.32 9.29 22.31
CA VAL C 126 -3.99 10.22 23.24
C VAL C 126 -3.02 10.50 24.40
N ARG C 127 -2.44 9.46 25.00
CA ARG C 127 -1.61 9.68 26.21
C ARG C 127 -0.40 10.52 25.79
N MET C 128 0.19 10.19 24.65
CA MET C 128 1.37 10.91 24.14
C MET C 128 1.00 12.40 23.88
N THR C 129 -0.12 12.66 23.22
CA THR C 129 -0.55 14.03 22.86
C THR C 129 -0.70 14.83 24.17
N ALA C 130 -1.34 14.24 25.20
CA ALA C 130 -1.52 14.91 26.51
C ALA C 130 -0.13 15.18 27.12
N GLY C 131 0.72 14.16 27.17
CA GLY C 131 2.04 14.24 27.82
C GLY C 131 2.95 15.26 27.14
N LEU C 132 2.93 15.35 25.81
CA LEU C 132 3.80 16.30 25.09
C LEU C 132 3.29 17.72 25.35
N ALA C 133 1.96 17.88 25.47
CA ALA C 133 1.37 19.22 25.71
C ALA C 133 1.94 19.73 27.03
N ARG C 134 1.97 18.88 28.03
CA ARG C 134 2.43 19.23 29.41
C ARG C 134 3.92 19.48 29.38
N CYS C 135 4.65 18.62 28.68
CA CYS C 135 6.12 18.69 28.56
C CYS C 135 6.50 20.05 27.93
N MET C 136 5.91 20.43 26.79
CA MET C 136 6.30 21.69 26.10
C MET C 136 5.86 22.92 26.93
N ASP C 137 4.73 22.82 27.63
CA ASP C 137 4.22 23.93 28.48
C ASP C 137 5.26 24.27 29.55
N GLU C 138 5.72 23.23 30.25
CA GLU C 138 6.74 23.33 31.32
C GLU C 138 8.06 23.85 30.73
N TYR C 139 8.49 23.31 29.60
CA TYR C 139 9.79 23.72 29.03
C TYR C 139 9.70 25.21 28.70
N PHE C 140 8.65 25.60 27.96
CA PHE C 140 8.55 26.99 27.43
C PHE C 140 8.14 27.93 28.56
N ARG C 141 7.80 27.42 29.76
CA ARG C 141 7.49 28.34 30.91
C ARG C 141 8.78 29.04 31.33
N THR C 142 9.94 28.42 31.09
CA THR C 142 11.24 28.93 31.59
C THR C 142 12.26 29.03 30.45
N GLU C 143 12.16 28.23 29.39
CA GLU C 143 13.23 28.18 28.37
C GLU C 143 12.82 29.05 27.17
N HIS C 144 13.83 29.63 26.55
CA HIS C 144 13.74 30.35 25.27
C HIS C 144 12.66 31.44 25.38
N LEU C 145 12.67 32.21 26.45
CA LEU C 145 11.62 33.19 26.73
C LEU C 145 11.62 34.24 25.59
N GLY C 146 10.43 34.58 25.11
CA GLY C 146 10.12 35.48 24.00
C GLY C 146 10.43 34.91 22.62
N VAL C 147 10.81 33.65 22.50
CA VAL C 147 11.10 33.08 21.16
C VAL C 147 9.78 32.68 20.51
N VAL C 148 9.64 33.05 19.24
CA VAL C 148 8.38 32.91 18.46
C VAL C 148 8.75 32.41 17.07
N THR C 149 7.79 31.73 16.45
CA THR C 149 7.90 31.16 15.09
C THR C 149 6.98 31.99 14.20
N HIS C 150 7.59 32.75 13.28
CA HIS C 150 6.83 33.54 12.27
C HIS C 150 6.62 32.73 11.00
N SER C 151 5.42 32.73 10.47
CA SER C 151 5.10 32.24 9.10
C SER C 151 4.90 33.44 8.18
N PHE C 152 5.39 33.35 6.94
CA PHE C 152 5.20 34.39 5.91
C PHE C 152 5.20 33.73 4.54
N VAL C 153 4.59 34.44 3.62
CA VAL C 153 4.40 34.02 2.20
C VAL C 153 4.93 35.15 1.30
N ARG C 154 4.84 34.90 0.01
CA ARG C 154 5.37 35.83 -1.01
C ARG C 154 6.83 36.17 -0.67
N ALA C 155 7.58 35.24 -0.12
CA ALA C 155 8.99 35.47 0.26
C ALA C 155 9.91 34.48 -0.46
N PRO C 156 10.35 34.76 -1.69
CA PRO C 156 11.30 33.87 -2.37
C PRO C 156 12.56 33.76 -1.51
N ARG C 157 13.22 32.60 -1.55
CA ARG C 157 14.39 32.29 -0.68
C ARG C 157 15.45 33.40 -0.73
N GLU C 158 15.66 33.99 -1.90
CA GLU C 158 16.68 35.08 -2.08
C GLU C 158 16.29 36.30 -1.24
N ARG C 159 15.01 36.63 -1.18
CA ARG C 159 14.54 37.74 -0.31
C ARG C 159 14.70 37.32 1.15
N LEU C 160 14.35 36.08 1.54
CA LEU C 160 14.53 35.62 2.94
C LEU C 160 16.02 35.69 3.30
N ASP C 161 16.90 35.21 2.44
CA ASP C 161 18.35 35.14 2.75
C ASP C 161 18.93 36.54 3.02
N GLU C 162 18.47 37.56 2.32
CA GLU C 162 18.91 38.96 2.55
C GLU C 162 18.48 39.39 3.97
N ILE C 163 17.25 39.07 4.40
CA ILE C 163 16.73 39.38 5.77
C ILE C 163 17.61 38.64 6.80
N LEU C 164 17.90 37.36 6.59
CA LEU C 164 18.73 36.56 7.53
C LEU C 164 20.14 37.15 7.64
N ALA C 165 20.72 37.66 6.54
CA ALA C 165 22.04 38.37 6.58
C ALA C 165 21.91 39.61 7.45
N GLU C 166 20.80 40.32 7.35
CA GLU C 166 20.60 41.54 8.18
C GLU C 166 20.54 41.12 9.65
N LEU C 167 19.81 40.07 9.98
CA LEU C 167 19.78 39.54 11.37
C LEU C 167 21.18 39.13 11.83
N ASP C 168 21.95 38.46 10.95
CA ASP C 168 23.33 37.98 11.27
C ASP C 168 24.21 39.18 11.66
N GLU C 169 24.21 40.20 10.81
CA GLU C 169 24.96 41.46 10.99
C GLU C 169 24.70 42.04 12.38
N ARG C 170 23.48 41.91 12.93
CA ARG C 170 23.06 42.49 14.25
C ARG C 170 23.26 41.47 15.38
N GLY C 171 23.73 40.26 15.09
CA GLY C 171 24.03 39.25 16.10
C GLY C 171 22.77 38.61 16.64
N GLU C 172 21.67 38.65 15.87
CA GLU C 172 20.33 38.16 16.30
C GLU C 172 20.18 36.72 15.82
N TRP C 173 20.10 35.82 16.78
CA TRP C 173 19.81 34.38 16.60
C TRP C 173 18.49 34.19 15.87
N HIS C 174 18.50 33.25 14.91
CA HIS C 174 17.28 32.78 14.21
C HIS C 174 17.53 31.35 13.75
N GLU C 175 16.47 30.63 13.44
CA GLU C 175 16.54 29.39 12.65
C GLU C 175 15.30 29.30 11.75
N ILE C 176 15.49 28.82 10.53
CA ILE C 176 14.37 28.38 9.66
C ILE C 176 13.77 27.11 10.29
N SER C 177 12.48 27.14 10.54
CA SER C 177 11.71 26.08 11.25
C SER C 177 10.85 25.26 10.28
N CYS C 178 10.35 25.85 9.20
CA CYS C 178 9.59 25.10 8.16
C CYS C 178 9.94 25.63 6.78
N HIS C 179 10.03 24.73 5.85
CA HIS C 179 10.01 25.00 4.40
C HIS C 179 8.65 24.56 3.92
N ILE C 180 7.77 25.50 3.53
CA ILE C 180 6.39 25.15 3.15
C ILE C 180 6.34 25.09 1.63
N ASP C 181 6.82 26.12 0.96
CA ASP C 181 6.83 26.22 -0.52
C ASP C 181 8.10 27.02 -0.88
N HIS C 182 8.30 27.28 -2.17
CA HIS C 182 9.49 28.02 -2.69
C HIS C 182 9.54 29.43 -2.09
N ASP C 183 8.39 29.99 -1.70
CA ASP C 183 8.28 31.39 -1.21
C ASP C 183 7.46 31.42 0.09
N PHE C 184 7.38 30.30 0.84
CA PHE C 184 6.63 30.21 2.13
C PHE C 184 7.50 29.48 3.16
N PHE C 185 7.91 30.21 4.22
CA PHE C 185 8.79 29.74 5.29
C PHE C 185 8.24 30.12 6.65
N MET C 186 8.68 29.39 7.68
CA MET C 186 8.57 29.78 9.12
C MET C 186 10.00 30.01 9.65
N LEU C 187 10.17 31.11 10.38
CA LEU C 187 11.45 31.58 10.96
C LEU C 187 11.22 31.73 12.45
N THR C 188 12.11 31.12 13.25
CA THR C 188 12.07 31.18 14.72
C THR C 188 13.17 32.13 15.17
N LEU C 189 12.81 33.12 15.99
CA LEU C 189 13.72 34.15 16.56
C LEU C 189 13.00 34.85 17.72
N HIS C 190 13.71 35.76 18.40
CA HIS C 190 13.18 36.48 19.57
C HIS C 190 12.17 37.53 19.10
N GLU C 191 11.03 37.61 19.77
CA GLU C 191 9.92 38.52 19.44
C GLU C 191 10.33 40.02 19.51
N ARG C 192 11.47 40.35 20.08
CA ARG C 192 11.99 41.74 19.99
C ARG C 192 12.26 42.02 18.51
N ASN C 193 12.38 40.97 17.69
CA ASN C 193 12.68 41.16 16.25
C ASN C 193 11.39 41.14 15.46
N SER C 194 10.23 40.93 16.11
CA SER C 194 8.98 40.55 15.40
C SER C 194 8.54 41.71 14.50
N VAL C 195 8.45 42.93 15.03
CA VAL C 195 7.85 44.06 14.27
C VAL C 195 8.83 44.47 13.17
N TRP C 196 10.12 44.46 13.41
CA TRP C 196 11.08 44.68 12.28
C TRP C 196 10.87 43.62 11.18
N LEU C 197 10.83 42.34 11.53
CA LEU C 197 10.69 41.24 10.52
C LEU C 197 9.45 41.47 9.63
N GLU C 198 8.33 41.81 10.27
CA GLU C 198 7.05 42.06 9.62
C GLU C 198 7.17 43.23 8.64
N GLY C 199 7.71 44.34 9.08
CA GLY C 199 7.84 45.47 8.15
C GLY C 199 8.91 45.18 7.13
N ARG C 200 9.95 44.43 7.50
CA ARG C 200 11.08 44.17 6.58
C ARG C 200 10.57 43.28 5.44
N LEU C 201 9.71 42.30 5.76
CA LEU C 201 9.05 41.39 4.79
C LEU C 201 8.20 42.25 3.85
N ARG C 202 7.23 42.99 4.42
CA ARG C 202 6.29 43.85 3.65
C ARG C 202 7.05 44.78 2.69
N SER C 203 8.21 45.28 3.09
CA SER C 203 9.05 46.21 2.29
C SER C 203 9.45 45.54 0.98
N VAL C 204 9.37 44.21 0.87
CA VAL C 204 9.81 43.55 -0.39
C VAL C 204 8.65 42.71 -0.96
N GLY C 205 7.42 42.98 -0.55
CA GLY C 205 6.25 42.34 -1.14
C GLY C 205 5.87 41.04 -0.47
N ALA C 206 6.61 40.61 0.56
CA ALA C 206 6.33 39.42 1.37
C ALA C 206 5.28 39.76 2.44
N MET C 207 4.45 38.80 2.82
CA MET C 207 3.32 39.09 3.74
C MET C 207 3.46 38.20 4.98
N PRO C 208 3.69 38.78 6.17
CA PRO C 208 3.73 38.01 7.42
C PRO C 208 2.31 37.51 7.68
N LEU C 209 2.17 36.30 8.24
CA LEU C 209 0.83 35.70 8.51
C LEU C 209 0.61 35.55 10.02
N TYR C 210 1.54 34.92 10.74
CA TYR C 210 1.28 34.48 12.14
C TYR C 210 2.60 34.40 12.88
N ALA C 211 2.54 34.71 14.18
CA ALA C 211 3.66 34.57 15.14
C ALA C 211 3.25 33.57 16.22
N MET C 212 3.86 32.39 16.22
CA MET C 212 3.40 31.21 17.02
C MET C 212 4.20 31.19 18.34
N ARG C 213 3.50 31.13 19.48
CA ARG C 213 4.07 30.81 20.83
C ARG C 213 3.33 29.52 21.30
N PRO C 214 4.03 28.49 21.83
CA PRO C 214 5.49 28.37 21.74
C PRO C 214 6.02 28.14 20.36
N PRO C 215 7.33 28.40 20.16
CA PRO C 215 7.97 28.17 18.87
C PRO C 215 8.09 26.66 18.63
N MET C 216 8.42 26.23 17.41
CA MET C 216 8.72 24.79 17.13
C MET C 216 9.91 24.66 16.19
N HIS C 217 10.59 23.52 16.24
CA HIS C 217 11.57 23.02 15.24
C HIS C 217 12.82 23.88 15.26
N ALA C 218 13.72 23.68 16.22
CA ALA C 218 14.99 24.43 16.31
C ALA C 218 16.09 23.53 16.88
N ALA C 219 17.28 23.52 16.26
CA ALA C 219 18.49 22.87 16.85
C ALA C 219 18.60 23.27 18.32
N ALA C 220 18.35 24.53 18.69
CA ALA C 220 18.42 25.00 20.10
C ALA C 220 17.45 24.28 21.05
N PHE C 221 16.50 23.48 20.57
CA PHE C 221 15.48 22.87 21.47
C PHE C 221 15.87 21.41 21.84
N GLY C 222 17.16 21.05 21.79
CA GLY C 222 17.63 19.70 22.16
C GLY C 222 17.15 19.33 23.54
N GLY C 223 17.11 20.28 24.50
CA GLY C 223 16.67 19.93 25.86
C GLY C 223 15.21 19.53 25.86
N LEU C 224 14.39 20.09 24.97
CA LEU C 224 12.95 19.72 24.88
C LEU C 224 12.86 18.31 24.26
N ARG C 225 13.68 17.99 23.27
CA ARG C 225 13.73 16.61 22.68
C ARG C 225 14.03 15.59 23.80
N ASP C 226 15.09 15.89 24.56
CA ASP C 226 15.63 15.08 25.68
C ASP C 226 14.49 14.90 26.71
N LYS C 227 13.86 16.00 27.11
CA LYS C 227 12.79 15.99 28.13
C LYS C 227 11.59 15.21 27.63
N ALA C 228 11.16 15.43 26.37
CA ALA C 228 10.06 14.67 25.74
C ALA C 228 10.34 13.16 25.74
N GLU C 229 11.54 12.80 25.34
CA GLU C 229 11.93 11.38 25.18
C GLU C 229 11.83 10.71 26.55
N GLU C 230 12.41 11.36 27.54
CA GLU C 230 12.52 10.76 28.89
C GLU C 230 11.13 10.66 29.51
N GLU C 231 10.30 11.71 29.44
CA GLU C 231 9.07 11.79 30.30
C GLU C 231 7.82 11.26 29.56
N VAL C 232 7.87 11.13 28.23
CA VAL C 232 6.62 10.90 27.43
C VAL C 232 6.81 9.77 26.40
N ILE C 233 7.85 9.82 25.57
CA ILE C 233 7.96 8.97 24.35
C ILE C 233 8.54 7.60 24.72
N ALA C 234 9.66 7.53 25.47
CA ALA C 234 10.38 6.26 25.76
C ALA C 234 9.47 5.26 26.45
N PRO C 235 8.63 5.64 27.43
CA PRO C 235 7.65 4.73 28.03
C PRO C 235 6.74 3.95 27.08
N LEU C 236 6.53 4.51 25.88
CA LEU C 236 5.47 4.02 24.97
C LEU C 236 6.01 2.83 24.19
N THR C 237 5.10 1.93 23.81
CA THR C 237 5.39 0.86 22.83
C THR C 237 4.95 1.30 21.43
N PHE C 238 5.91 1.35 20.54
CA PHE C 238 5.72 1.69 19.11
C PHE C 238 5.70 0.39 18.32
N HIS C 239 4.76 0.28 17.41
CA HIS C 239 4.53 -0.87 16.51
C HIS C 239 4.96 -0.47 15.10
N ASP C 240 5.22 -1.45 14.23
CA ASP C 240 5.49 -1.12 12.81
C ASP C 240 4.21 -0.57 12.22
N PRO C 241 4.27 0.55 11.45
CA PRO C 241 3.06 1.04 10.76
C PRO C 241 2.53 -0.04 9.79
N THR C 242 1.21 -0.06 9.57
CA THR C 242 0.49 -1.04 8.71
C THR C 242 0.64 -0.58 7.25
N LEU C 243 1.15 0.64 7.03
CA LEU C 243 1.50 1.18 5.69
C LEU C 243 2.64 2.16 5.81
N PRO C 244 3.37 2.47 4.72
CA PRO C 244 4.50 3.35 4.87
C PRO C 244 4.08 4.75 5.35
N VAL C 245 4.97 5.38 6.13
CA VAL C 245 4.82 6.76 6.62
C VAL C 245 5.96 7.57 6.02
N VAL C 246 5.63 8.62 5.29
CA VAL C 246 6.62 9.66 4.85
C VAL C 246 6.93 10.66 5.99
N ALA C 247 8.20 10.75 6.37
CA ALA C 247 8.71 11.67 7.41
C ALA C 247 8.61 13.10 6.88
N ASP C 248 8.26 14.05 7.75
CA ASP C 248 8.05 15.47 7.35
C ASP C 248 9.35 16.25 7.50
N GLN C 249 10.34 15.65 8.11
CA GLN C 249 11.68 16.24 8.20
C GLN C 249 12.30 16.29 6.79
N ASP C 250 12.14 15.22 6.00
CA ASP C 250 12.92 15.06 4.75
C ASP C 250 12.27 14.09 3.75
N GLY C 251 11.02 13.67 3.96
CA GLY C 251 10.36 12.78 3.00
C GLY C 251 10.82 11.33 3.09
N LYS C 252 11.69 10.97 4.03
CA LYS C 252 12.14 9.56 4.12
C LYS C 252 10.92 8.66 4.26
N VAL C 253 10.87 7.57 3.50
CA VAL C 253 9.74 6.60 3.65
C VAL C 253 10.06 5.66 4.83
N LEU C 254 9.23 5.68 5.89
CA LEU C 254 9.44 4.97 7.19
C LEU C 254 8.60 3.71 7.21
N THR C 255 9.12 2.62 7.76
CA THR C 255 8.33 1.36 7.82
C THR C 255 8.36 0.69 9.19
N THR C 256 9.04 1.23 10.18
CA THR C 256 9.18 0.57 11.50
C THR C 256 8.68 1.49 12.62
N GLY C 257 8.29 0.93 13.74
CA GLY C 257 7.85 1.70 14.92
C GLY C 257 8.96 2.60 15.43
N ASP C 258 10.22 2.13 15.46
CA ASP C 258 11.41 2.87 15.91
C ASP C 258 11.57 4.18 15.10
N GLU C 259 11.29 4.15 13.80
CA GLU C 259 11.45 5.32 12.89
C GLU C 259 10.34 6.31 13.16
N VAL C 260 9.15 5.81 13.50
CA VAL C 260 8.05 6.75 13.79
C VAL C 260 8.39 7.48 15.07
N ARG C 261 8.93 6.75 16.05
CA ARG C 261 9.39 7.30 17.34
C ARG C 261 10.46 8.35 17.12
N THR C 262 11.44 8.08 16.26
CA THR C 262 12.49 9.02 15.87
C THR C 262 11.87 10.29 15.25
N MET C 263 10.91 10.16 14.31
CA MET C 263 10.21 11.30 13.65
C MET C 263 9.69 12.23 14.76
N LEU C 264 9.01 11.66 15.78
CA LEU C 264 8.29 12.50 16.81
C LEU C 264 9.31 13.31 17.61
N LEU C 265 10.45 12.69 17.91
CA LEU C 265 11.57 13.34 18.62
C LEU C 265 12.28 14.37 17.73
N GLU C 266 12.50 14.06 16.46
CA GLU C 266 13.27 14.95 15.56
C GLU C 266 12.49 16.25 15.34
N SER C 267 11.17 16.18 15.47
CA SER C 267 10.28 17.31 15.22
C SER C 267 10.78 18.54 15.98
N PHE C 268 11.32 18.34 17.19
CA PHE C 268 11.67 19.46 18.10
C PHE C 268 12.90 20.19 17.57
N VAL C 269 13.76 19.55 16.78
CA VAL C 269 15.14 20.05 16.49
C VAL C 269 15.43 20.08 14.99
N ARG C 270 14.56 19.56 14.13
CA ARG C 270 14.71 19.59 12.65
C ARG C 270 13.54 20.34 12.06
N PRO C 271 13.76 21.11 10.97
CA PRO C 271 12.65 21.82 10.31
C PRO C 271 11.75 20.85 9.54
N LEU C 272 10.46 21.17 9.52
CA LEU C 272 9.50 20.64 8.51
C LEU C 272 10.06 20.99 7.11
N ARG C 273 10.11 20.02 6.21
CA ARG C 273 10.41 20.24 4.77
C ARG C 273 9.25 19.68 3.97
N TRP C 274 8.17 20.48 3.86
CA TRP C 274 6.94 20.09 3.14
C TRP C 274 7.23 19.77 1.66
N PRO C 275 8.08 20.49 0.91
CA PRO C 275 8.39 20.09 -0.47
C PRO C 275 8.97 18.66 -0.59
N ASP C 276 9.79 18.24 0.36
CA ASP C 276 10.36 16.87 0.47
C ASP C 276 9.26 15.81 0.72
N VAL C 277 8.22 16.14 1.50
CA VAL C 277 7.08 15.20 1.68
C VAL C 277 6.42 15.05 0.31
N ILE C 278 6.11 16.16 -0.37
CA ILE C 278 5.40 16.11 -1.67
C ILE C 278 6.25 15.33 -2.69
N SER C 279 7.55 15.61 -2.86
CA SER C 279 8.36 14.86 -3.88
C SER C 279 8.42 13.36 -3.50
N SER C 280 8.54 13.03 -2.21
CA SER C 280 8.60 11.60 -1.77
C SER C 280 7.29 10.94 -2.16
N LEU C 281 6.14 11.56 -1.77
CA LEU C 281 4.85 11.00 -2.18
C LEU C 281 4.83 10.78 -3.71
N GLN C 282 5.21 11.78 -4.49
CA GLN C 282 5.20 11.65 -5.97
C GLN C 282 6.04 10.43 -6.38
N ASP C 283 7.18 10.27 -5.77
CA ASP C 283 8.10 9.13 -6.08
C ASP C 283 7.45 7.80 -5.66
N GLN C 284 6.52 7.79 -4.69
CA GLN C 284 5.84 6.55 -4.25
C GLN C 284 4.57 6.35 -5.04
N GLY C 285 4.37 7.20 -6.05
CA GLY C 285 3.38 7.00 -7.11
C GLY C 285 2.04 7.61 -6.71
N VAL C 286 2.01 8.54 -5.77
CA VAL C 286 0.73 9.14 -5.27
C VAL C 286 0.30 10.17 -6.32
N THR C 287 -1.00 10.26 -6.61
CA THR C 287 -1.60 11.23 -7.55
C THR C 287 -2.75 11.98 -6.86
N ARG C 288 -3.30 11.46 -5.74
CA ARG C 288 -4.39 12.14 -5.01
C ARG C 288 -4.07 12.10 -3.52
N VAL C 289 -4.30 13.22 -2.82
CA VAL C 289 -4.17 13.22 -1.34
C VAL C 289 -5.52 13.52 -0.66
N CYS C 290 -5.73 12.90 0.49
CA CYS C 290 -6.84 13.27 1.41
C CYS C 290 -6.17 13.86 2.65
N VAL C 291 -6.34 15.15 2.89
CA VAL C 291 -5.91 15.84 4.14
C VAL C 291 -7.04 15.65 5.19
N ALA C 292 -6.76 14.87 6.22
CA ALA C 292 -7.73 14.52 7.29
C ALA C 292 -7.66 15.53 8.43
N GLY C 293 -8.71 16.34 8.59
CA GLY C 293 -8.89 17.20 9.77
C GLY C 293 -9.02 18.67 9.39
N PRO C 294 -9.30 19.55 10.39
CA PRO C 294 -9.30 20.99 10.23
C PRO C 294 -7.97 21.44 9.64
N ASP C 295 -8.00 22.30 8.64
CA ASP C 295 -6.76 22.73 7.93
C ASP C 295 -7.08 23.88 6.97
N SER C 296 -6.25 24.92 6.98
CA SER C 296 -6.22 26.01 5.97
C SER C 296 -4.83 26.18 5.35
N LEU C 297 -3.93 25.22 5.56
CA LEU C 297 -2.55 25.31 5.03
C LEU C 297 -2.20 24.13 4.10
N PHE C 298 -2.17 22.88 4.59
CA PHE C 298 -1.53 21.74 3.87
C PHE C 298 -2.35 21.31 2.65
N GLY C 299 -3.69 21.39 2.77
CA GLY C 299 -4.54 21.08 1.61
C GLY C 299 -4.56 22.14 0.52
N ARG C 300 -4.28 23.38 0.86
CA ARG C 300 -4.54 24.52 -0.08
C ARG C 300 -3.30 25.18 -0.61
N VAL C 301 -2.16 24.94 -0.01
CA VAL C 301 -0.87 25.57 -0.42
C VAL C 301 -0.41 24.98 -1.75
N GLY C 302 0.29 25.77 -2.57
CA GLY C 302 0.68 25.39 -3.95
C GLY C 302 1.60 24.18 -3.99
N THR C 303 2.47 24.00 -3.02
CA THR C 303 3.34 22.79 -2.90
C THR C 303 2.51 21.52 -3.15
N THR C 304 1.34 21.45 -2.47
CA THR C 304 0.42 20.32 -2.52
C THR C 304 -0.37 20.36 -3.81
N THR C 305 -1.07 21.47 -4.13
CA THR C 305 -2.10 21.49 -5.21
C THR C 305 -1.45 21.37 -6.59
N ARG C 306 -0.28 21.91 -6.76
CA ARG C 306 0.51 21.74 -8.02
C ARG C 306 0.81 20.27 -8.28
N ALA C 307 0.98 19.43 -7.25
CA ALA C 307 1.38 18.01 -7.41
C ALA C 307 0.18 17.05 -7.42
N PHE C 308 -0.91 17.32 -6.67
CA PHE C 308 -1.92 16.29 -6.37
C PHE C 308 -3.32 16.92 -6.48
N GLU C 309 -4.31 16.11 -6.87
CA GLU C 309 -5.74 16.29 -6.55
C GLU C 309 -5.85 16.29 -5.04
N VAL C 310 -6.68 17.18 -4.49
CA VAL C 310 -6.77 17.32 -3.00
C VAL C 310 -8.20 17.06 -2.55
N ILE C 311 -8.39 16.11 -1.65
CA ILE C 311 -9.67 15.98 -0.90
C ILE C 311 -9.42 16.60 0.47
N ALA C 312 -10.23 17.57 0.87
CA ALA C 312 -10.08 18.23 2.19
C ALA C 312 -11.20 17.69 3.12
N ALA C 313 -10.88 16.66 3.90
CA ALA C 313 -11.82 16.02 4.83
C ALA C 313 -11.84 16.84 6.12
N THR C 314 -12.58 17.93 6.11
CA THR C 314 -12.65 18.91 7.21
C THR C 314 -13.96 18.73 7.96
N PRO C 315 -14.05 19.14 9.23
CA PRO C 315 -15.35 19.21 9.89
C PRO C 315 -16.40 19.92 9.04
N ARG C 316 -16.02 21.01 8.36
CA ARG C 316 -17.03 21.77 7.60
C ARG C 316 -17.63 20.85 6.53
N LEU C 317 -16.79 20.11 5.79
CA LEU C 317 -17.25 19.19 4.71
C LEU C 317 -18.16 18.10 5.29
N ALA C 318 -17.76 17.48 6.39
CA ALA C 318 -18.46 16.33 6.97
C ALA C 318 -19.79 16.81 7.59
N LEU C 319 -19.95 18.11 7.87
CA LEU C 319 -21.22 18.67 8.41
C LEU C 319 -22.17 19.02 7.28
N GLN C 320 -21.74 18.99 6.02
CA GLN C 320 -22.61 19.39 4.87
C GLN C 320 -23.78 18.42 4.75
N PRO C 321 -24.93 18.86 4.19
CA PRO C 321 -25.96 17.91 3.77
C PRO C 321 -25.51 17.23 2.46
N MET D 4 -17.51 53.17 -4.49
CA MET D 4 -16.94 53.60 -5.79
C MET D 4 -16.34 52.41 -6.58
N TRP D 5 -16.44 51.13 -6.15
CA TRP D 5 -15.85 49.99 -6.93
C TRP D 5 -16.74 49.55 -8.10
N ASP D 6 -16.26 48.62 -8.92
CA ASP D 6 -16.95 48.20 -10.16
C ASP D 6 -17.04 46.67 -10.21
N ALA D 7 -17.63 46.14 -11.29
CA ALA D 7 -17.97 44.70 -11.37
C ALA D 7 -16.69 43.90 -11.50
N GLN D 8 -15.72 44.41 -12.25
CA GLN D 8 -14.44 43.72 -12.42
C GLN D 8 -13.85 43.41 -11.04
N PHE D 9 -13.77 44.44 -10.17
CA PHE D 9 -13.23 44.31 -8.80
C PHE D 9 -14.06 43.34 -7.96
N GLU D 10 -15.39 43.46 -8.03
CA GLU D 10 -16.25 42.73 -7.08
C GLU D 10 -16.32 41.24 -7.49
N ASN D 11 -16.39 40.95 -8.79
CA ASN D 11 -16.40 39.57 -9.29
C ASN D 11 -15.10 38.92 -8.82
N LEU D 12 -14.02 39.68 -8.87
CA LEU D 12 -12.66 39.19 -8.50
C LEU D 12 -12.63 38.85 -7.00
N LEU D 13 -12.94 39.82 -6.16
CA LEU D 13 -13.03 39.62 -4.69
C LEU D 13 -13.96 38.45 -4.34
N ARG D 14 -15.14 38.38 -4.93
CA ARG D 14 -16.18 37.44 -4.46
C ARG D 14 -15.72 36.00 -4.69
N ARG D 15 -14.70 35.78 -5.52
CA ARG D 15 -14.15 34.41 -5.71
C ARG D 15 -13.52 33.95 -4.38
N TYR D 16 -13.21 34.86 -3.44
CA TYR D 16 -12.44 34.54 -2.21
C TYR D 16 -13.26 34.75 -0.95
N LEU D 17 -14.58 34.78 -1.10
CA LEU D 17 -15.51 35.07 0.02
C LEU D 17 -16.55 33.96 0.07
N PRO D 18 -16.19 32.75 0.53
CA PRO D 18 -17.07 31.60 0.43
C PRO D 18 -18.33 31.71 1.30
N PHE D 19 -18.35 32.56 2.30
CA PHE D 19 -19.53 32.61 3.21
C PHE D 19 -20.39 33.81 2.81
N LEU D 20 -20.15 34.40 1.64
CA LEU D 20 -21.06 35.37 0.99
C LEU D 20 -21.70 34.70 -0.24
N SER D 21 -23.02 34.60 -0.24
CA SER D 21 -23.77 34.05 -1.39
C SER D 21 -23.93 35.20 -2.40
N ALA D 22 -24.18 34.82 -3.64
CA ALA D 22 -24.33 35.71 -4.81
C ALA D 22 -25.48 36.69 -4.58
N ASP D 23 -26.51 36.35 -3.81
CA ASP D 23 -27.68 37.24 -3.63
C ASP D 23 -27.53 38.15 -2.41
N GLN D 24 -26.40 38.15 -1.74
CA GLN D 24 -26.15 39.06 -0.59
C GLN D 24 -25.26 40.19 -1.06
N PRO D 25 -25.56 41.45 -0.64
CA PRO D 25 -24.75 42.61 -0.99
C PRO D 25 -23.36 42.53 -0.37
N LEU D 26 -22.38 43.11 -1.06
CA LEU D 26 -21.01 43.27 -0.55
C LEU D 26 -20.95 44.67 0.03
N GLU D 27 -21.11 44.76 1.35
CA GLU D 27 -21.18 46.05 2.10
C GLU D 27 -19.77 46.64 2.14
N GLN D 28 -19.68 47.96 2.19
CA GLN D 28 -18.39 48.66 2.19
C GLN D 28 -17.57 48.22 3.43
N ASP D 29 -18.22 48.01 4.57
CA ASP D 29 -17.47 47.80 5.85
C ASP D 29 -17.58 46.34 6.33
N ILE D 30 -18.06 45.39 5.53
CA ILE D 30 -18.21 43.99 6.02
C ILE D 30 -16.81 43.46 6.32
N ASN D 31 -16.68 42.76 7.44
CA ASN D 31 -15.44 42.08 7.84
C ASN D 31 -15.19 40.93 6.85
N LEU D 32 -14.10 41.01 6.07
CA LEU D 32 -13.78 39.99 5.03
C LEU D 32 -13.52 38.60 5.65
N ARG D 33 -12.76 38.54 6.75
CA ARG D 33 -12.39 37.30 7.49
C ARG D 33 -13.68 36.57 7.90
N ASP D 34 -14.68 37.29 8.40
CA ASP D 34 -15.99 36.71 8.82
C ASP D 34 -16.74 36.07 7.64
N ILE D 35 -16.58 36.54 6.39
CA ILE D 35 -17.25 35.87 5.23
C ILE D 35 -16.21 35.03 4.47
N GLY D 36 -15.09 34.71 5.10
CA GLY D 36 -14.29 33.54 4.72
C GLY D 36 -13.01 33.90 4.02
N LEU D 37 -12.62 35.17 4.04
CA LEU D 37 -11.26 35.51 3.56
C LEU D 37 -10.26 35.08 4.62
N ASP D 38 -9.27 34.27 4.25
CA ASP D 38 -8.29 33.68 5.18
C ASP D 38 -6.90 33.85 4.57
N SER D 39 -5.89 33.29 5.19
CA SER D 39 -4.47 33.56 4.84
C SER D 39 -4.22 33.19 3.37
N LEU D 40 -4.49 31.94 3.01
CA LEU D 40 -4.15 31.46 1.65
C LEU D 40 -5.14 32.05 0.64
N GLY D 41 -6.40 32.30 1.02
CA GLY D 41 -7.32 33.07 0.16
C GLY D 41 -6.77 34.45 -0.17
N THR D 42 -6.12 35.12 0.79
CA THR D 42 -5.52 36.45 0.60
C THR D 42 -4.33 36.34 -0.37
N VAL D 43 -3.48 35.34 -0.22
CA VAL D 43 -2.38 35.09 -1.17
C VAL D 43 -2.94 35.01 -2.59
N GLU D 44 -4.01 34.23 -2.82
CA GLU D 44 -4.61 34.01 -4.16
C GLU D 44 -5.19 35.33 -4.67
N LEU D 45 -6.02 35.96 -3.84
CA LEU D 45 -6.61 37.29 -4.10
C LEU D 45 -5.51 38.26 -4.57
N LEU D 46 -4.45 38.40 -3.77
CA LEU D 46 -3.33 39.32 -4.08
C LEU D 46 -2.72 38.99 -5.45
N SER D 47 -2.47 37.72 -5.69
CA SER D 47 -1.91 37.21 -6.97
C SER D 47 -2.83 37.66 -8.12
N GLU D 48 -4.15 37.55 -7.92
CA GLU D 48 -5.09 37.91 -9.00
C GLU D 48 -5.16 39.44 -9.12
N LEU D 49 -5.18 40.16 -8.01
CA LEU D 49 -5.21 41.66 -8.07
C LEU D 49 -3.98 42.19 -8.80
N GLU D 50 -2.81 41.63 -8.49
CA GLU D 50 -1.52 42.08 -9.05
C GLU D 50 -1.51 41.80 -10.55
N ASN D 51 -1.91 40.61 -11.00
CA ASN D 51 -1.96 40.27 -12.45
C ASN D 51 -2.99 41.15 -13.20
N THR D 52 -4.22 41.21 -12.71
CA THR D 52 -5.33 42.00 -13.28
C THR D 52 -5.00 43.47 -13.42
N TYR D 53 -4.50 44.14 -12.37
CA TYR D 53 -4.38 45.62 -12.33
C TYR D 53 -2.95 46.09 -12.63
N ASP D 54 -2.01 45.17 -12.78
CA ASP D 54 -0.60 45.51 -13.09
C ASP D 54 -0.06 46.36 -11.93
N VAL D 55 -0.14 45.85 -10.70
CA VAL D 55 0.28 46.56 -9.45
C VAL D 55 1.10 45.60 -8.60
N HIS D 56 1.95 46.11 -7.73
CA HIS D 56 2.74 45.32 -6.76
C HIS D 56 2.34 45.80 -5.35
N PHE D 57 1.62 44.99 -4.58
CA PHE D 57 1.32 45.33 -3.17
C PHE D 57 2.61 45.21 -2.35
N GLN D 58 2.97 46.27 -1.62
CA GLN D 58 4.14 46.27 -0.73
C GLN D 58 3.91 47.28 0.41
N ASP D 59 4.81 47.30 1.41
CA ASP D 59 4.82 48.30 2.51
C ASP D 59 3.43 48.26 3.17
N GLU D 60 2.81 49.40 3.48
CA GLU D 60 1.49 49.47 4.19
C GLU D 60 0.41 48.67 3.47
N ALA D 61 0.52 48.43 2.16
CA ALA D 61 -0.58 47.78 1.39
C ALA D 61 -0.65 46.29 1.71
N LEU D 62 0.29 45.75 2.50
CA LEU D 62 0.31 44.31 2.90
C LEU D 62 -0.05 44.15 4.37
N THR D 63 -0.36 45.24 5.09
CA THR D 63 -0.85 45.13 6.49
C THR D 63 -2.25 44.50 6.50
N LYS D 64 -2.57 43.83 7.59
CA LYS D 64 -3.88 43.19 7.89
C LYS D 64 -4.99 44.16 7.55
N GLU D 65 -4.79 45.44 7.82
CA GLU D 65 -5.89 46.45 7.79
C GLU D 65 -6.34 46.61 6.33
N THR D 66 -5.42 46.46 5.38
CA THR D 66 -5.69 46.48 3.92
C THR D 66 -6.83 45.53 3.58
N PHE D 67 -6.87 44.33 4.20
CA PHE D 67 -7.85 43.27 3.83
C PHE D 67 -9.00 43.18 4.81
N GLU D 68 -9.19 44.17 5.66
CA GLU D 68 -10.20 44.06 6.74
C GLU D 68 -11.60 44.20 6.13
N THR D 69 -11.78 45.10 5.17
CA THR D 69 -13.09 45.36 4.51
C THR D 69 -12.89 45.60 3.02
N PRO D 70 -13.94 45.37 2.21
CA PRO D 70 -13.84 45.65 0.79
C PRO D 70 -13.60 47.14 0.55
N GLY D 71 -14.19 48.02 1.39
CA GLY D 71 -13.94 49.49 1.33
C GLY D 71 -12.44 49.83 1.35
N VAL D 72 -11.72 49.34 2.35
CA VAL D 72 -10.29 49.69 2.53
C VAL D 72 -9.48 49.02 1.42
N LEU D 73 -9.81 47.77 1.07
CA LEU D 73 -9.06 47.05 0.02
C LEU D 73 -9.21 47.82 -1.31
N TRP D 74 -10.40 48.33 -1.60
CA TRP D 74 -10.66 49.09 -2.85
C TRP D 74 -9.83 50.39 -2.87
N LYS D 75 -9.85 51.11 -1.77
CA LYS D 75 -9.10 52.39 -1.60
C LYS D 75 -7.63 52.10 -1.90
N THR D 76 -7.09 51.04 -1.29
CA THR D 76 -5.65 50.69 -1.39
C THR D 76 -5.31 50.34 -2.84
N LEU D 77 -6.11 49.48 -3.48
CA LEU D 77 -5.89 49.11 -4.89
C LEU D 77 -5.99 50.40 -5.74
N SER D 78 -6.95 51.27 -5.42
CA SER D 78 -7.17 52.53 -6.20
C SER D 78 -5.93 53.40 -6.18
N GLN D 79 -5.32 53.59 -4.99
CA GLN D 79 -4.18 54.52 -4.82
C GLN D 79 -3.02 54.02 -5.69
N MET D 80 -3.00 52.73 -6.08
CA MET D 80 -1.86 52.13 -6.84
C MET D 80 -2.13 52.21 -8.34
N VAL D 81 -3.38 52.06 -8.78
CA VAL D 81 -3.72 52.13 -10.22
C VAL D 81 -3.77 53.61 -10.63
N GLU D 82 -3.77 54.55 -9.66
CA GLU D 82 -4.22 55.98 -9.77
C GLU D 82 -3.73 56.84 -8.59
#